data_5KJI
#
_entry.id   5KJI
#
_cell.length_a   82.333
_cell.length_b   74.619
_cell.length_c   127.035
_cell.angle_alpha   90.00
_cell.angle_beta   105.63
_cell.angle_gamma   90.00
#
_symmetry.space_group_name_H-M   'P 1 21 1'
#
loop_
_entity.id
_entity.type
_entity.pdbx_description
1 polymer 'putative polycomb protein Eed'
2 polymer 'Putative uncharacterized protein,Zinc finger domain-containing protein'
3 non-polymer 'ZINC ION'
4 non-polymer S-ADENOSYL-L-HOMOCYSTEINE
5 water water
#
loop_
_entity_poly.entity_id
_entity_poly.type
_entity_poly.pdbx_seq_one_letter_code
_entity_poly.pdbx_strand_id
1 'polypeptide(L)'
;MASAWSHPQFEKGGGSGGGSGGSAWSHPQFEKLEVLFQGPMPASDSAEWELPRLRTSFIFQDDYKYLGDDGSVSQDLAEF
FDVKFYPYSPPGAPPVFAATSKKHAVICRLTQTTDKDANPCEIIQLIRDDGNEANCASCWSKDPITDQPLLCIAGNEGNV
KVYNVTEGKLYRTLVGHGGGINDLATSPANPYIIASASDDTTIRIWSLAPEHEKQPCVCILGGEGHSYDLLSVAFHDNGR
YVLSAGHDQVINLWALPEFPNEHMEIPIVIYYPHFSSSEIHNNLVDCVAFYGDLILSRACHEDTIVLWRIEGFSSDDPIP
GPLDAPTPTDMTKQTRSYFTPTVSPQSRPAMFTRLAQFHTPDCGVQFFMRFRMYHVPGKHPILAFANAKSKTFFWDLARF
GEYARFMADLKEAQQSYNGRVVVVDQGQGISLAQAQQVHGPGVGVVMKPAWLVPKRVKKAPGAAGSGSGTAANGGHNNNN
NNNNNNNNNNHETGSQRSFSATNNLSNSGRDKESASMVSASPDPDSPFGFSRETLQAWADMYDLSNPVGLIKAHRSLAID
GAFVGRQVGWSPEGEWCVVVGNGNRALIYQRWGKERGLGSGTPGA
;
A
2 'polypeptide(L)'
;SNHHHHHHATPKNTEWTVDKIASALSVLAEEVPQNHSRLVNFLLEETEKRAPQPRHLSKTDPFAHMKSKAIDANRPRPEG
VPTMDVKFKQHSGEYGKSRNSGRRFQYPVVCIKPDREPVPPYRFHHAEIRKNILALNSQLNFVPHLRDVDPNSAEEQKYS
AWLMDLENLDSKSGFKIQPRSQKIAKRAQAEYAATLAPYLEPWLRKLNIEGCTKSNLIRFMASQPESDDSMTPQQKSNLL
DTYSDDMGSPQAVRNASMFTEAWDRVFNDQSKLRRVALRDILMLDKNVEPIFDNKRAKDAPGSQKPPDEALMQKVIDALG
SYTTLGCLICFSHDCEHGEIERDNQKRCFSLEEIGGLMPSLRRKWAAQIEQRQKTEGGSANAPPAHPPCRNECYRIHGTG
DPNQQVPPWSENEVGTLEWMFATIGYSQTLRPECFVGAILGRPCWDVHRKLQELDLRLPPVEPRTIPKQKSLPWYDRRKK
QLMSDWADATITHEHAVRELFAPCHHDGPCTAANGCPCASAGTHPVLCERFCLCTAEECPLKFTGCACHSSGKTCLQRQR
EGRPCICVQLNRECDPTLCKGCGARERADPENAYDEVLHSTGCQNVALQRGAAKAVVLGKSQLEACGYGLFAAEDIEEGE
FVIEYTGELISHDEGVRREHRRGDVFDEENKVSYLFTLLEQEGIWVDAAIYGNLSRYINHATDGNIMPKIMYVNHEWRIK
FTAIKDIKAGEELFFNYGDNFPNLTKKLVERNEQSGAETTPQQPKRANGLVPRGSEVMLPGRGVPKKPLRRPKRRPLLVP
KTTQPLFDPLSKVQLLPGQPLPQHPIDDSWLLLKHRDNLQDFIDLRPEEKEFLQEWDAFILRRHISSEQYLPRYFLRFVR
EKADWLVSKRSRGEEFSKLVATLLARRVLPERVVIEATQVLNDARGRLREQGGVIEG
;
B
#
loop_
_chem_comp.id
_chem_comp.type
_chem_comp.name
_chem_comp.formula
ZN non-polymer 'ZINC ION' 'Zn 2'
#
# COMPACT_ATOMS: atom_id res chain seq x y z
N SER A 46 -25.73 40.28 -3.20
CA SER A 46 -27.13 39.93 -2.93
C SER A 46 -27.55 38.64 -3.69
N ALA A 47 -26.95 38.46 -4.91
CA ALA A 47 -27.18 37.33 -5.81
C ALA A 47 -26.17 36.19 -5.51
N GLU A 48 -26.05 35.76 -4.25
CA GLU A 48 -25.13 34.67 -3.89
C GLU A 48 -25.58 33.29 -4.43
N TRP A 49 -26.89 33.19 -4.72
CA TRP A 49 -27.60 32.02 -5.23
C TRP A 49 -27.60 31.91 -6.72
N GLU A 50 -27.03 32.91 -7.43
CA GLU A 50 -26.99 32.92 -8.89
C GLU A 50 -26.06 31.83 -9.44
N LEU A 51 -26.59 30.96 -10.30
CA LEU A 51 -25.83 29.89 -10.95
C LEU A 51 -25.48 30.29 -12.40
N PRO A 52 -24.34 29.78 -12.95
CA PRO A 52 -23.92 30.19 -14.32
C PRO A 52 -24.91 29.98 -15.49
N ARG A 53 -24.72 30.75 -16.58
CA ARG A 53 -25.49 30.67 -17.84
C ARG A 53 -24.53 30.70 -19.02
N LEU A 54 -24.83 29.96 -20.14
CA LEU A 54 -23.94 29.94 -21.30
C LEU A 54 -23.82 31.29 -21.94
N ARG A 55 -22.57 31.79 -22.03
CA ARG A 55 -22.28 33.12 -22.53
C ARG A 55 -21.53 33.10 -23.85
N THR A 56 -20.49 32.25 -23.96
CA THR A 56 -19.68 32.11 -25.18
C THR A 56 -19.36 30.65 -25.43
N SER A 57 -18.99 30.31 -26.66
CA SER A 57 -18.54 28.96 -27.05
C SER A 57 -17.67 29.06 -28.29
N PHE A 58 -16.60 28.27 -28.35
CA PHE A 58 -15.70 28.28 -29.50
C PHE A 58 -15.19 26.90 -29.87
N ILE A 59 -15.06 26.66 -31.17
CA ILE A 59 -14.48 25.44 -31.72
C ILE A 59 -13.07 25.84 -32.19
N PHE A 60 -12.05 25.13 -31.73
CA PHE A 60 -10.67 25.37 -32.12
C PHE A 60 -10.37 24.41 -33.31
N GLN A 61 -9.48 24.83 -34.21
CA GLN A 61 -9.14 24.03 -35.39
C GLN A 61 -8.72 22.60 -35.05
N ASP A 62 -9.19 21.64 -35.85
CA ASP A 62 -8.87 20.23 -35.69
C ASP A 62 -7.35 20.07 -35.83
N ASP A 63 -6.68 19.52 -34.80
CA ASP A 63 -5.21 19.39 -34.76
C ASP A 63 -4.68 17.96 -34.54
N TYR A 64 -5.55 16.94 -34.70
CA TYR A 64 -5.19 15.53 -34.57
C TYR A 64 -6.03 14.65 -35.48
N LYS A 65 -5.40 14.18 -36.57
CA LYS A 65 -5.98 13.36 -37.63
C LYS A 65 -5.03 12.19 -37.99
N LEU A 77 -11.48 12.57 -33.74
CA LEU A 77 -10.78 12.24 -32.50
C LEU A 77 -10.11 13.44 -31.80
N ALA A 78 -10.15 14.66 -32.38
CA ALA A 78 -9.55 15.85 -31.77
C ALA A 78 -10.42 16.28 -30.60
N GLU A 79 -9.81 16.51 -29.43
CA GLU A 79 -10.55 16.89 -28.22
C GLU A 79 -9.71 17.74 -27.33
N PHE A 80 -10.36 18.63 -26.55
CA PHE A 80 -9.71 19.36 -25.48
C PHE A 80 -9.86 18.43 -24.29
N PHE A 81 -8.74 17.98 -23.74
CA PHE A 81 -8.75 17.05 -22.61
C PHE A 81 -8.67 17.75 -21.26
N ASP A 82 -8.12 18.96 -21.23
CA ASP A 82 -7.95 19.72 -20.01
C ASP A 82 -8.26 21.22 -20.15
N VAL A 83 -8.60 21.86 -19.00
CA VAL A 83 -8.84 23.29 -18.86
C VAL A 83 -8.42 23.62 -17.44
N LYS A 84 -7.57 24.62 -17.27
CA LYS A 84 -7.07 25.11 -15.97
C LYS A 84 -6.88 26.63 -16.02
N PHE A 85 -7.45 27.33 -15.04
CA PHE A 85 -7.30 28.77 -14.90
C PHE A 85 -6.03 29.05 -14.12
N TYR A 86 -5.28 30.11 -14.48
CA TYR A 86 -4.09 30.50 -13.71
C TYR A 86 -4.52 30.97 -12.29
N PRO A 87 -3.99 30.33 -11.23
CA PRO A 87 -4.45 30.66 -9.89
C PRO A 87 -3.60 31.67 -9.07
N TYR A 88 -2.55 32.25 -9.66
CA TYR A 88 -1.67 33.15 -8.92
C TYR A 88 -1.77 34.61 -9.35
N SER A 89 -2.81 34.99 -10.09
CA SER A 89 -3.02 36.38 -10.53
C SER A 89 -3.43 37.24 -9.31
N PRO A 90 -3.10 38.56 -9.25
CA PRO A 90 -3.53 39.36 -8.07
C PRO A 90 -5.07 39.53 -8.00
N PRO A 91 -5.69 39.77 -6.83
CA PRO A 91 -7.16 39.89 -6.80
C PRO A 91 -7.70 41.00 -7.71
N GLY A 92 -8.63 40.64 -8.59
CA GLY A 92 -9.21 41.58 -9.55
C GLY A 92 -8.68 41.49 -10.96
N ALA A 93 -7.53 40.82 -11.15
CA ALA A 93 -6.91 40.63 -12.45
C ALA A 93 -7.86 39.86 -13.41
N PRO A 94 -7.91 40.17 -14.72
CA PRO A 94 -8.81 39.39 -15.59
C PRO A 94 -8.38 37.92 -15.60
N PRO A 95 -9.31 36.96 -15.42
CA PRO A 95 -8.92 35.54 -15.39
C PRO A 95 -8.35 35.08 -16.72
N VAL A 96 -7.30 34.25 -16.66
CA VAL A 96 -6.61 33.65 -17.79
C VAL A 96 -6.70 32.12 -17.64
N PHE A 97 -7.09 31.41 -18.71
CA PHE A 97 -7.14 29.95 -18.64
C PHE A 97 -6.36 29.29 -19.74
N ALA A 98 -6.12 27.98 -19.62
CA ALA A 98 -5.40 27.26 -20.68
C ALA A 98 -6.13 25.99 -21.00
N ALA A 99 -6.54 25.85 -22.29
CA ALA A 99 -7.22 24.66 -22.77
C ALA A 99 -6.21 23.81 -23.55
N THR A 100 -6.02 22.55 -23.11
CA THR A 100 -5.09 21.60 -23.71
C THR A 100 -5.79 20.58 -24.57
N SER A 101 -5.55 20.68 -25.88
CA SER A 101 -5.95 19.75 -26.92
C SER A 101 -4.81 18.71 -27.05
N LYS A 102 -4.90 17.79 -28.03
CA LYS A 102 -3.86 16.78 -28.21
C LYS A 102 -2.52 17.36 -28.60
N LYS A 103 -2.51 18.47 -29.38
CA LYS A 103 -1.27 19.08 -29.89
C LYS A 103 -1.03 20.55 -29.49
N HIS A 104 -2.04 21.26 -29.00
CA HIS A 104 -1.89 22.68 -28.67
C HIS A 104 -2.29 23.03 -27.24
N ALA A 105 -1.80 24.19 -26.77
CA ALA A 105 -2.14 24.79 -25.48
C ALA A 105 -2.72 26.20 -25.80
N VAL A 106 -4.05 26.33 -25.69
CA VAL A 106 -4.74 27.58 -26.05
C VAL A 106 -4.98 28.43 -24.80
N ILE A 107 -4.12 29.46 -24.61
CA ILE A 107 -4.20 30.38 -23.46
C ILE A 107 -5.17 31.51 -23.81
N CYS A 108 -6.26 31.62 -23.02
CA CYS A 108 -7.32 32.64 -23.18
C CYS A 108 -7.34 33.54 -21.99
N ARG A 109 -7.98 34.71 -22.15
CA ARG A 109 -8.26 35.66 -21.07
C ARG A 109 -9.75 35.99 -21.19
N LEU A 110 -10.47 36.02 -20.05
CA LEU A 110 -11.88 36.35 -20.02
C LEU A 110 -12.13 37.71 -19.39
N THR A 111 -12.83 38.59 -20.12
CA THR A 111 -13.12 39.96 -19.72
C THR A 111 -14.61 40.18 -19.68
N GLN A 112 -15.15 40.68 -18.56
CA GLN A 112 -16.58 40.99 -18.44
C GLN A 112 -16.89 42.20 -19.32
N THR A 113 -18.08 42.19 -19.97
CA THR A 113 -18.51 43.23 -20.93
C THR A 113 -19.95 43.71 -20.72
N THR A 114 -20.30 44.89 -21.25
CA THR A 114 -21.69 45.42 -21.14
C THR A 114 -22.51 45.06 -22.39
N ASP A 115 -21.80 44.70 -23.47
CA ASP A 115 -22.44 44.32 -24.72
C ASP A 115 -22.58 42.81 -24.82
N LYS A 116 -23.85 42.31 -24.84
CA LYS A 116 -24.22 40.89 -24.99
C LYS A 116 -23.63 40.34 -26.29
N ASP A 117 -23.47 41.20 -27.32
CA ASP A 117 -22.91 40.85 -28.65
C ASP A 117 -21.38 40.87 -28.70
N ALA A 118 -20.71 41.44 -27.67
CA ALA A 118 -19.25 41.50 -27.61
C ALA A 118 -18.66 40.14 -27.16
N ASN A 119 -17.40 39.86 -27.53
CA ASN A 119 -16.70 38.62 -27.20
C ASN A 119 -15.85 38.78 -25.93
N PRO A 120 -16.15 38.05 -24.83
CA PRO A 120 -15.33 38.18 -23.61
C PRO A 120 -13.98 37.44 -23.69
N CYS A 121 -13.85 36.47 -24.60
CA CYS A 121 -12.67 35.64 -24.71
C CYS A 121 -11.69 36.10 -25.74
N GLU A 122 -10.42 36.23 -25.32
CA GLU A 122 -9.33 36.61 -26.21
C GLU A 122 -8.16 35.67 -26.02
N ILE A 123 -7.81 34.94 -27.09
CA ILE A 123 -6.69 34.00 -27.12
C ILE A 123 -5.40 34.84 -27.16
N ILE A 124 -4.70 34.88 -26.02
CA ILE A 124 -3.48 35.68 -25.85
C ILE A 124 -2.19 34.89 -26.17
N GLN A 125 -2.35 33.61 -26.53
CA GLN A 125 -1.28 32.67 -26.82
C GLN A 125 -1.86 31.37 -27.31
N LEU A 126 -1.16 30.71 -28.26
CA LEU A 126 -1.50 29.42 -28.82
C LEU A 126 -0.20 28.66 -29.11
N ILE A 127 0.24 27.83 -28.18
CA ILE A 127 1.49 27.06 -28.31
C ILE A 127 1.23 25.71 -28.98
N ARG A 128 2.21 25.19 -29.71
CA ARG A 128 2.11 23.87 -30.31
C ARG A 128 3.26 22.99 -29.87
N ASP A 129 2.92 21.88 -29.20
CA ASP A 129 3.87 20.86 -28.79
C ASP A 129 4.36 20.25 -30.12
N ASP A 130 5.64 20.50 -30.45
CA ASP A 130 6.25 20.04 -31.70
C ASP A 130 6.98 18.69 -31.54
N GLY A 131 6.64 17.95 -30.49
CA GLY A 131 7.15 16.61 -30.25
C GLY A 131 6.24 15.62 -30.94
N ASN A 132 6.53 14.31 -30.81
CA ASN A 132 5.69 13.32 -31.48
C ASN A 132 4.61 12.73 -30.58
N GLU A 133 4.35 13.37 -29.43
CA GLU A 133 3.33 12.91 -28.49
C GLU A 133 2.01 13.69 -28.56
N ALA A 134 0.94 13.11 -27.98
CA ALA A 134 -0.39 13.70 -27.85
C ALA A 134 -0.63 13.95 -26.35
N ASN A 135 -1.12 15.14 -26.01
CA ASN A 135 -1.30 15.54 -24.62
C ASN A 135 -2.72 15.41 -24.13
N CYS A 136 -2.86 15.36 -22.81
CA CYS A 136 -4.14 15.27 -22.12
C CYS A 136 -4.15 15.98 -20.76
N ALA A 137 -2.96 16.26 -20.21
CA ALA A 137 -2.80 16.82 -18.88
C ALA A 137 -2.16 18.17 -18.81
N SER A 138 -2.59 18.98 -17.83
CA SER A 138 -2.04 20.31 -17.58
C SER A 138 -2.19 20.73 -16.11
N CYS A 139 -1.34 21.69 -15.71
CA CYS A 139 -1.34 22.40 -14.43
C CYS A 139 -0.49 23.67 -14.57
N TRP A 140 -0.72 24.63 -13.70
CA TRP A 140 0.02 25.87 -13.73
C TRP A 140 1.09 25.90 -12.64
N SER A 141 2.24 26.50 -12.94
CA SER A 141 3.29 26.69 -11.94
C SER A 141 3.84 28.10 -12.07
N LYS A 142 4.92 28.43 -11.35
CA LYS A 142 5.58 29.74 -11.39
C LYS A 142 7.09 29.61 -11.40
N ASP A 143 7.76 30.53 -12.12
CA ASP A 143 9.21 30.58 -12.15
C ASP A 143 9.70 31.01 -10.75
N PRO A 144 10.54 30.20 -10.06
CA PRO A 144 10.93 30.55 -8.68
C PRO A 144 11.85 31.76 -8.54
N ILE A 145 12.26 32.35 -9.70
CA ILE A 145 13.15 33.51 -9.73
C ILE A 145 12.40 34.81 -10.15
N THR A 146 11.69 34.74 -11.29
CA THR A 146 11.04 35.85 -11.95
C THR A 146 9.53 35.92 -11.74
N ASP A 147 8.93 34.92 -11.05
CA ASP A 147 7.51 34.80 -10.73
C ASP A 147 6.58 34.78 -11.97
N GLN A 148 7.13 34.38 -13.12
CA GLN A 148 6.44 34.31 -14.40
C GLN A 148 5.66 33.00 -14.52
N PRO A 149 4.44 33.06 -15.07
CA PRO A 149 3.63 31.84 -15.20
C PRO A 149 4.26 30.74 -16.05
N LEU A 150 4.20 29.51 -15.55
CA LEU A 150 4.68 28.33 -16.27
C LEU A 150 3.49 27.40 -16.50
N LEU A 151 3.39 26.81 -17.71
CA LEU A 151 2.31 25.86 -17.98
C LEU A 151 2.89 24.48 -18.25
N CYS A 152 2.61 23.55 -17.35
CA CYS A 152 3.10 22.19 -17.47
C CYS A 152 2.14 21.44 -18.35
N ILE A 153 2.66 20.70 -19.32
CA ILE A 153 1.88 19.90 -20.26
C ILE A 153 2.47 18.50 -20.31
N ALA A 154 1.60 17.47 -20.20
CA ALA A 154 2.02 16.07 -20.22
C ALA A 154 1.22 15.23 -21.18
N GLY A 155 1.87 14.23 -21.76
CA GLY A 155 1.25 13.37 -22.76
C GLY A 155 1.58 11.90 -22.75
N ASN A 156 1.38 11.22 -23.90
CA ASN A 156 1.55 9.77 -24.04
C ASN A 156 3.02 9.28 -24.12
N GLU A 157 4.00 10.17 -24.33
CA GLU A 157 5.39 9.70 -24.35
C GLU A 157 6.10 9.84 -22.95
N GLY A 158 5.34 10.26 -21.92
CA GLY A 158 5.79 10.28 -20.54
C GLY A 158 6.60 11.45 -20.03
N ASN A 159 6.47 12.61 -20.65
CA ASN A 159 7.21 13.76 -20.14
C ASN A 159 6.33 14.93 -19.79
N VAL A 160 6.85 15.78 -18.91
CA VAL A 160 6.19 17.02 -18.51
C VAL A 160 6.99 18.15 -19.20
N LYS A 161 6.32 18.91 -20.07
CA LYS A 161 6.90 20.06 -20.74
C LYS A 161 6.43 21.27 -19.97
N VAL A 162 7.35 22.04 -19.42
CA VAL A 162 7.01 23.26 -18.68
C VAL A 162 7.25 24.42 -19.64
N TYR A 163 6.19 25.19 -19.96
CA TYR A 163 6.32 26.31 -20.88
C TYR A 163 6.29 27.64 -20.21
N ASN A 164 7.19 28.53 -20.65
CA ASN A 164 7.25 29.93 -20.27
C ASN A 164 6.27 30.62 -21.26
N VAL A 165 4.97 30.62 -20.87
CA VAL A 165 3.87 31.13 -21.69
C VAL A 165 4.02 32.60 -22.10
N THR A 166 4.47 33.51 -21.21
CA THR A 166 4.62 34.92 -21.59
C THR A 166 5.71 35.10 -22.66
N GLU A 167 6.91 34.48 -22.47
CA GLU A 167 8.02 34.56 -23.42
C GLU A 167 7.92 33.59 -24.63
N GLY A 168 6.92 32.69 -24.62
CA GLY A 168 6.68 31.70 -25.68
C GLY A 168 7.81 30.70 -25.89
N LYS A 169 8.51 30.31 -24.81
CA LYS A 169 9.65 29.40 -24.84
C LYS A 169 9.49 28.25 -23.86
N LEU A 170 10.23 27.15 -24.07
CA LEU A 170 10.21 26.00 -23.18
C LEU A 170 11.08 26.35 -21.95
N TYR A 171 10.52 26.12 -20.77
CA TYR A 171 11.25 26.36 -19.52
C TYR A 171 12.19 25.15 -19.29
N ARG A 172 11.59 23.94 -19.19
CA ARG A 172 12.28 22.68 -19.05
C ARG A 172 11.36 21.50 -19.34
N THR A 173 11.96 20.32 -19.46
CA THR A 173 11.27 19.05 -19.62
C THR A 173 11.56 18.22 -18.36
N LEU A 174 10.54 17.52 -17.85
CA LEU A 174 10.70 16.61 -16.72
C LEU A 174 10.61 15.17 -17.22
N VAL A 175 11.78 14.49 -17.34
CA VAL A 175 11.86 13.08 -17.77
C VAL A 175 12.07 12.15 -16.56
N GLY A 176 11.54 10.94 -16.64
CA GLY A 176 11.65 9.98 -15.56
C GLY A 176 10.59 8.91 -15.63
N HIS A 177 9.31 9.29 -15.92
CA HIS A 177 8.18 8.34 -16.06
C HIS A 177 8.42 7.36 -17.26
N GLY A 178 7.99 6.09 -17.10
CA GLY A 178 8.14 5.00 -18.05
C GLY A 178 6.88 4.67 -18.82
N GLY A 179 5.97 5.64 -18.88
CA GLY A 179 4.73 5.53 -19.62
C GLY A 179 4.04 6.87 -19.76
N GLY A 180 2.97 6.89 -20.53
CA GLY A 180 2.19 8.10 -20.74
C GLY A 180 1.62 8.68 -19.46
N ILE A 181 1.61 10.03 -19.37
CA ILE A 181 1.08 10.77 -18.22
C ILE A 181 -0.37 11.16 -18.51
N ASN A 182 -1.29 10.73 -17.63
CA ASN A 182 -2.72 10.98 -17.75
C ASN A 182 -3.26 12.19 -16.96
N ASP A 183 -2.52 12.65 -15.92
CA ASP A 183 -2.96 13.75 -15.08
C ASP A 183 -1.80 14.47 -14.37
N LEU A 184 -2.01 15.77 -14.13
CA LEU A 184 -1.08 16.63 -13.42
C LEU A 184 -1.85 17.45 -12.41
N ALA A 185 -1.23 17.74 -11.26
CA ALA A 185 -1.79 18.58 -10.19
C ALA A 185 -0.64 19.31 -9.47
N THR A 186 -0.86 20.57 -9.11
CA THR A 186 0.09 21.46 -8.40
C THR A 186 -0.29 21.50 -6.90
N SER A 187 0.70 21.57 -6.02
CA SER A 187 0.43 21.60 -4.58
C SER A 187 -0.15 22.96 -4.15
N PRO A 188 -1.32 23.01 -3.48
CA PRO A 188 -1.82 24.31 -2.99
C PRO A 188 -0.89 24.90 -1.91
N ALA A 189 -0.02 24.06 -1.29
CA ALA A 189 0.92 24.53 -0.28
C ALA A 189 2.19 25.10 -0.88
N ASN A 190 2.66 24.56 -2.05
CA ASN A 190 3.88 24.97 -2.75
C ASN A 190 3.66 25.07 -4.29
N PRO A 191 3.71 26.28 -4.91
CA PRO A 191 3.46 26.36 -6.37
C PRO A 191 4.50 25.67 -7.23
N TYR A 192 5.66 25.32 -6.63
CA TYR A 192 6.78 24.66 -7.31
C TYR A 192 6.71 23.13 -7.26
N ILE A 193 5.77 22.55 -6.47
CA ILE A 193 5.54 21.10 -6.35
C ILE A 193 4.42 20.65 -7.34
N ILE A 194 4.72 19.68 -8.20
CA ILE A 194 3.81 19.15 -9.23
C ILE A 194 3.78 17.62 -9.08
N ALA A 195 2.60 17.03 -9.20
CA ALA A 195 2.44 15.57 -9.12
C ALA A 195 2.02 15.07 -10.50
N SER A 196 2.62 13.95 -10.96
CA SER A 196 2.22 13.36 -12.24
C SER A 196 1.80 11.89 -12.11
N ALA A 197 0.61 11.56 -12.59
CA ALA A 197 0.07 10.20 -12.57
C ALA A 197 0.24 9.60 -13.97
N SER A 198 0.77 8.36 -14.02
CA SER A 198 1.14 7.72 -15.26
C SER A 198 0.71 6.26 -15.42
N ASP A 199 0.83 5.75 -16.68
CA ASP A 199 0.54 4.37 -17.08
C ASP A 199 1.58 3.47 -16.45
N ASP A 200 2.75 4.05 -16.13
CA ASP A 200 3.82 3.28 -15.49
C ASP A 200 3.39 2.81 -14.09
N THR A 201 2.19 3.30 -13.59
CA THR A 201 1.58 2.89 -12.31
C THR A 201 1.94 3.83 -11.12
N THR A 202 3.01 4.64 -11.28
CA THR A 202 3.53 5.52 -10.23
C THR A 202 3.01 6.93 -10.34
N ILE A 203 3.20 7.69 -9.26
CA ILE A 203 2.96 9.13 -9.11
C ILE A 203 4.40 9.66 -8.89
N ARG A 204 4.75 10.74 -9.57
CA ARG A 204 6.03 11.39 -9.36
C ARG A 204 5.80 12.80 -8.84
N ILE A 205 6.49 13.13 -7.76
CA ILE A 205 6.41 14.48 -7.18
C ILE A 205 7.69 15.19 -7.63
N TRP A 206 7.51 16.32 -8.29
CA TRP A 206 8.55 17.18 -8.87
C TRP A 206 8.61 18.51 -8.17
N SER A 207 9.82 19.08 -8.10
CA SER A 207 10.03 20.40 -7.55
C SER A 207 10.69 21.29 -8.56
N LEU A 208 10.06 22.44 -8.88
CA LEU A 208 10.63 23.44 -9.79
C LEU A 208 11.53 24.45 -9.06
N ALA A 209 11.77 24.23 -7.74
CA ALA A 209 12.64 25.09 -6.92
C ALA A 209 14.08 25.03 -7.41
N PRO A 210 14.90 26.10 -7.20
CA PRO A 210 16.29 26.05 -7.68
C PRO A 210 17.10 24.94 -7.04
N GLU A 211 16.85 24.61 -5.77
CA GLU A 211 17.54 23.57 -4.99
C GLU A 211 17.54 22.21 -5.65
N HIS A 212 16.43 21.87 -6.30
CA HIS A 212 16.20 20.58 -6.94
C HIS A 212 16.48 20.56 -8.44
N GLU A 213 16.90 21.70 -9.03
CA GLU A 213 17.21 21.85 -10.46
C GLU A 213 17.91 20.65 -11.09
N LYS A 214 18.98 20.14 -10.43
CA LYS A 214 19.81 19.04 -10.92
C LYS A 214 19.08 17.70 -10.91
N GLN A 215 18.25 17.49 -9.89
CA GLN A 215 17.47 16.27 -9.70
C GLN A 215 16.05 16.70 -9.25
N PRO A 216 15.12 16.92 -10.22
CA PRO A 216 13.79 17.43 -9.86
C PRO A 216 12.79 16.44 -9.26
N CYS A 217 13.06 15.13 -9.30
CA CYS A 217 12.12 14.16 -8.73
C CYS A 217 12.30 14.04 -7.22
N VAL A 218 11.41 14.67 -6.42
CA VAL A 218 11.53 14.66 -4.96
C VAL A 218 10.89 13.42 -4.29
N CYS A 219 9.90 12.81 -4.93
CA CYS A 219 9.19 11.68 -4.35
C CYS A 219 8.56 10.75 -5.42
N ILE A 220 8.53 9.45 -5.14
CA ILE A 220 7.87 8.45 -6.00
C ILE A 220 6.87 7.65 -5.12
N LEU A 221 5.60 7.70 -5.47
CA LEU A 221 4.56 6.96 -4.77
C LEU A 221 4.43 5.70 -5.61
N GLY A 222 5.14 4.68 -5.18
CA GLY A 222 5.24 3.43 -5.94
C GLY A 222 4.79 2.26 -5.15
N GLY A 223 5.69 1.33 -4.92
CA GLY A 223 5.47 0.09 -4.21
C GLY A 223 4.23 -0.71 -4.58
N GLU A 224 3.37 -0.92 -3.58
CA GLU A 224 2.16 -1.74 -3.70
C GLU A 224 0.83 -0.92 -3.74
N GLY A 225 0.92 0.36 -4.08
CA GLY A 225 -0.26 1.22 -4.20
C GLY A 225 -1.20 0.86 -5.34
N HIS A 226 -0.68 0.88 -6.57
CA HIS A 226 -1.46 0.65 -7.79
C HIS A 226 -0.90 -0.46 -8.66
N SER A 227 -1.78 -1.14 -9.44
CA SER A 227 -1.41 -2.24 -10.35
C SER A 227 -1.69 -1.94 -11.84
N TYR A 228 -2.49 -0.88 -12.13
CA TYR A 228 -2.75 -0.46 -13.51
C TYR A 228 -2.62 1.05 -13.68
N ASP A 229 -2.81 1.56 -14.92
CA ASP A 229 -2.69 2.96 -15.30
C ASP A 229 -3.48 3.87 -14.43
N LEU A 230 -2.83 4.93 -14.02
CA LEU A 230 -3.44 5.95 -13.18
C LEU A 230 -4.08 7.04 -14.05
N LEU A 231 -5.27 7.46 -13.70
CA LEU A 231 -6.00 8.47 -14.46
C LEU A 231 -6.18 9.78 -13.71
N SER A 232 -5.93 9.78 -12.40
CA SER A 232 -6.16 10.93 -11.55
C SER A 232 -5.22 11.01 -10.37
N VAL A 233 -4.75 12.22 -10.11
CA VAL A 233 -3.89 12.61 -8.99
C VAL A 233 -4.51 13.93 -8.46
N ALA A 234 -4.68 14.04 -7.14
CA ALA A 234 -5.27 15.21 -6.49
C ALA A 234 -4.55 15.48 -5.21
N PHE A 235 -4.31 16.77 -4.88
CA PHE A 235 -3.65 17.22 -3.64
C PHE A 235 -4.64 17.76 -2.63
N HIS A 236 -4.34 17.56 -1.32
CA HIS A 236 -5.08 18.17 -0.21
C HIS A 236 -4.62 19.64 -0.11
N ASP A 237 -5.43 20.53 0.51
CA ASP A 237 -5.03 21.93 0.64
C ASP A 237 -3.77 22.09 1.50
N ASN A 238 -3.49 21.11 2.38
CA ASN A 238 -2.29 21.16 3.21
C ASN A 238 -1.01 20.82 2.41
N GLY A 239 -1.19 20.32 1.16
CA GLY A 239 -0.13 19.89 0.26
C GLY A 239 0.61 18.61 0.67
N ARG A 240 0.23 18.03 1.82
CA ARG A 240 0.82 16.84 2.42
C ARG A 240 0.09 15.54 2.07
N TYR A 241 -1.16 15.64 1.62
CA TYR A 241 -1.92 14.44 1.28
C TYR A 241 -2.21 14.44 -0.18
N VAL A 242 -2.15 13.24 -0.79
CA VAL A 242 -2.34 13.03 -2.22
C VAL A 242 -3.30 11.87 -2.38
N LEU A 243 -4.25 12.02 -3.31
CA LEU A 243 -5.19 11.00 -3.73
C LEU A 243 -4.80 10.59 -5.15
N SER A 244 -4.76 9.28 -5.43
CA SER A 244 -4.48 8.72 -6.77
C SER A 244 -5.48 7.64 -7.08
N ALA A 245 -5.85 7.49 -8.37
CA ALA A 245 -6.83 6.51 -8.84
C ALA A 245 -6.62 6.20 -10.30
N GLY A 246 -7.16 5.07 -10.75
CA GLY A 246 -7.12 4.68 -12.16
C GLY A 246 -7.91 3.44 -12.50
N HIS A 247 -7.34 2.65 -13.46
CA HIS A 247 -7.89 1.43 -14.07
C HIS A 247 -7.98 0.23 -13.16
N ASP A 248 -7.13 0.15 -12.12
CA ASP A 248 -7.14 -0.95 -11.15
C ASP A 248 -8.32 -0.86 -10.13
N GLN A 249 -9.13 0.25 -10.21
CA GLN A 249 -10.33 0.59 -9.44
C GLN A 249 -10.05 0.93 -7.99
N VAL A 250 -8.80 1.36 -7.70
CA VAL A 250 -8.36 1.68 -6.34
C VAL A 250 -8.20 3.17 -6.17
N ILE A 251 -8.64 3.66 -5.02
CA ILE A 251 -8.41 5.02 -4.60
C ILE A 251 -7.44 4.89 -3.40
N ASN A 252 -6.30 5.60 -3.51
CA ASN A 252 -5.26 5.62 -2.49
C ASN A 252 -5.05 6.98 -1.92
N LEU A 253 -4.80 7.05 -0.64
CA LEU A 253 -4.45 8.30 0.00
C LEU A 253 -3.04 8.12 0.47
N TRP A 254 -2.14 9.00 0.02
CA TRP A 254 -0.73 8.97 0.37
C TRP A 254 -0.37 10.16 1.23
N ALA A 255 0.52 9.95 2.19
CA ALA A 255 1.00 11.03 3.06
C ALA A 255 2.45 11.39 2.68
N LEU A 256 2.66 12.58 2.12
CA LEU A 256 3.97 13.05 1.68
C LEU A 256 4.86 13.51 2.83
N PRO A 257 6.16 13.13 2.78
CA PRO A 257 7.10 13.62 3.81
C PRO A 257 7.47 15.08 3.54
N GLU A 258 8.24 15.69 4.46
CA GLU A 258 8.73 17.05 4.23
C GLU A 258 9.92 17.02 3.28
N PHE A 259 9.93 17.91 2.28
CA PHE A 259 11.02 17.91 1.29
C PHE A 259 12.15 18.88 1.65
N PRO A 260 13.40 18.35 1.78
CA PRO A 260 14.53 19.21 2.14
C PRO A 260 14.78 20.34 1.16
N ASN A 261 15.13 21.51 1.71
CA ASN A 261 15.45 22.74 1.01
C ASN A 261 16.78 22.62 0.23
N GLU A 262 17.36 21.42 0.19
CA GLU A 262 18.64 21.14 -0.49
C GLU A 262 18.51 20.12 -1.65
N HIS A 263 19.63 19.83 -2.32
CA HIS A 263 19.70 18.84 -3.39
C HIS A 263 19.37 17.44 -2.86
N MET A 264 18.57 16.70 -3.64
CA MET A 264 18.18 15.32 -3.32
C MET A 264 18.81 14.41 -4.40
N GLU A 265 19.73 13.52 -4.01
CA GLU A 265 20.37 12.66 -5.01
C GLU A 265 19.37 11.68 -5.61
N ILE A 266 18.43 11.25 -4.79
CA ILE A 266 17.38 10.33 -5.20
C ILE A 266 16.10 10.77 -4.58
N PRO A 267 14.96 10.54 -5.24
CA PRO A 267 13.68 10.83 -4.59
C PRO A 267 13.42 9.93 -3.35
N ILE A 268 12.47 10.37 -2.48
CA ILE A 268 11.98 9.61 -1.33
C ILE A 268 10.98 8.66 -1.95
N VAL A 269 11.14 7.38 -1.70
CA VAL A 269 10.22 6.40 -2.29
C VAL A 269 9.18 6.07 -1.23
N ILE A 270 7.88 6.20 -1.57
CA ILE A 270 6.77 5.82 -0.69
C ILE A 270 6.21 4.53 -1.31
N TYR A 271 5.98 3.48 -0.48
CA TYR A 271 5.55 2.16 -0.95
C TYR A 271 4.14 1.79 -0.61
N TYR A 272 3.57 2.39 0.45
CA TYR A 272 2.25 2.02 0.91
C TYR A 272 1.41 3.25 1.12
N PRO A 273 0.19 3.34 0.54
CA PRO A 273 -0.73 4.44 0.90
C PRO A 273 -1.22 4.27 2.34
N HIS A 274 -1.65 5.38 2.97
CA HIS A 274 -2.16 5.35 4.34
C HIS A 274 -3.61 4.92 4.38
N PHE A 275 -4.32 5.04 3.26
CA PHE A 275 -5.66 4.52 3.04
C PHE A 275 -5.68 3.99 1.64
N SER A 276 -6.25 2.80 1.45
CA SER A 276 -6.41 2.18 0.14
C SER A 276 -7.75 1.42 0.06
N SER A 277 -8.54 1.64 -1.02
CA SER A 277 -9.81 0.93 -1.25
C SER A 277 -10.19 0.77 -2.70
N SER A 278 -10.77 -0.38 -3.03
CA SER A 278 -11.29 -0.67 -4.35
C SER A 278 -12.82 -0.88 -4.23
N GLU A 279 -13.38 -0.58 -3.03
CA GLU A 279 -14.77 -0.80 -2.64
C GLU A 279 -15.71 0.43 -2.77
N ILE A 280 -15.16 1.65 -2.95
CA ILE A 280 -16.03 2.83 -3.11
C ILE A 280 -16.85 2.73 -4.43
N HIS A 281 -16.25 2.26 -5.55
CA HIS A 281 -16.85 2.13 -6.90
C HIS A 281 -16.68 0.70 -7.41
N ASN A 282 -17.37 0.34 -8.50
CA ASN A 282 -17.25 -0.99 -9.11
C ASN A 282 -16.66 -0.95 -10.53
N ASN A 283 -15.93 0.12 -10.86
CA ASN A 283 -15.34 0.26 -12.20
C ASN A 283 -14.11 1.13 -12.07
N LEU A 284 -13.36 1.35 -13.19
CA LEU A 284 -12.21 2.24 -13.24
C LEU A 284 -12.65 3.63 -12.76
N VAL A 285 -11.82 4.25 -11.92
CA VAL A 285 -12.05 5.55 -11.32
C VAL A 285 -11.20 6.53 -12.12
N ASP A 286 -11.81 7.60 -12.64
CA ASP A 286 -11.12 8.53 -13.55
C ASP A 286 -11.06 9.95 -13.04
N CYS A 287 -11.70 10.24 -11.92
CA CYS A 287 -11.65 11.54 -11.23
C CYS A 287 -11.81 11.37 -9.76
N VAL A 288 -10.82 11.89 -9.03
CA VAL A 288 -10.69 11.89 -7.59
C VAL A 288 -10.20 13.29 -7.19
N ALA A 289 -10.80 13.83 -6.12
CA ALA A 289 -10.50 15.15 -5.54
C ALA A 289 -10.90 15.21 -4.08
N PHE A 290 -10.23 16.06 -3.32
CA PHE A 290 -10.62 16.34 -1.96
C PHE A 290 -11.61 17.51 -1.98
N TYR A 291 -12.54 17.53 -1.04
CA TYR A 291 -13.41 18.66 -0.76
C TYR A 291 -13.27 18.78 0.75
N GLY A 292 -12.28 19.56 1.17
CA GLY A 292 -11.89 19.65 2.57
C GLY A 292 -11.11 18.38 2.90
N ASP A 293 -11.67 17.53 3.78
CA ASP A 293 -11.09 16.23 4.13
C ASP A 293 -11.98 15.14 3.50
N LEU A 294 -13.12 15.57 2.90
CA LEU A 294 -14.07 14.69 2.23
C LEU A 294 -13.53 14.37 0.83
N ILE A 295 -13.92 13.24 0.26
CA ILE A 295 -13.44 12.85 -1.05
C ILE A 295 -14.60 12.87 -2.00
N LEU A 296 -14.33 13.27 -3.24
CA LEU A 296 -15.26 13.27 -4.35
C LEU A 296 -14.58 12.43 -5.37
N SER A 297 -15.26 11.40 -5.82
CA SER A 297 -14.72 10.52 -6.84
C SER A 297 -15.78 10.06 -7.83
N ARG A 298 -15.33 9.77 -9.02
CA ARG A 298 -16.16 9.43 -10.16
C ARG A 298 -15.58 8.17 -10.80
N ALA A 299 -16.45 7.26 -11.27
CA ALA A 299 -16.03 6.02 -11.95
C ALA A 299 -16.79 5.84 -13.24
N CYS A 300 -16.23 5.08 -14.17
CA CYS A 300 -16.91 4.74 -15.41
C CYS A 300 -18.16 3.85 -15.13
N HIS A 301 -19.22 3.96 -15.98
CA HIS A 301 -20.48 3.19 -15.94
C HIS A 301 -21.26 3.27 -14.59
N GLU A 302 -21.25 4.44 -13.94
CA GLU A 302 -22.00 4.54 -12.68
C GLU A 302 -23.01 5.67 -12.64
N ASP A 303 -22.84 6.72 -13.47
CA ASP A 303 -23.72 7.88 -13.63
C ASP A 303 -23.82 8.72 -12.36
N THR A 304 -22.74 8.74 -11.57
CA THR A 304 -22.66 9.44 -10.28
C THR A 304 -21.27 9.96 -9.95
N ILE A 305 -21.22 11.03 -9.15
CA ILE A 305 -20.04 11.57 -8.49
C ILE A 305 -20.34 11.30 -7.02
N VAL A 306 -19.55 10.39 -6.41
CA VAL A 306 -19.71 10.01 -4.99
C VAL A 306 -18.98 10.97 -4.05
N LEU A 307 -19.70 11.48 -3.05
CA LEU A 307 -19.14 12.24 -1.92
C LEU A 307 -19.05 11.19 -0.81
N TRP A 308 -17.84 10.99 -0.26
CA TRP A 308 -17.61 10.01 0.79
C TRP A 308 -16.50 10.42 1.75
N ARG A 309 -16.31 9.68 2.85
CA ARG A 309 -15.25 10.05 3.76
C ARG A 309 -14.51 8.86 4.35
N ILE A 310 -13.21 9.09 4.62
CA ILE A 310 -12.33 8.09 5.25
C ILE A 310 -12.58 8.27 6.72
N GLU A 311 -12.99 7.19 7.38
CA GLU A 311 -13.25 7.20 8.81
C GLU A 311 -11.94 7.46 9.59
N GLY A 312 -11.98 8.42 10.50
CA GLY A 312 -10.79 8.74 11.26
C GLY A 312 -9.84 9.65 10.56
N PHE A 313 -10.12 10.09 9.34
CA PHE A 313 -9.26 11.05 8.67
C PHE A 313 -9.57 12.50 9.06
N SER A 314 -8.52 13.26 9.43
CA SER A 314 -8.55 14.70 9.71
C SER A 314 -7.18 15.30 9.37
N SER A 315 -7.17 16.48 8.75
CA SER A 315 -5.90 17.14 8.41
C SER A 315 -5.43 18.01 9.57
N ASP A 316 -6.23 18.06 10.65
CA ASP A 316 -5.88 18.78 11.87
C ASP A 316 -4.95 17.90 12.71
N ASP A 317 -5.01 16.57 12.49
CA ASP A 317 -4.21 15.61 13.23
C ASP A 317 -2.82 15.63 12.67
N PRO A 318 -1.77 15.23 13.42
CA PRO A 318 -0.41 15.20 12.83
C PRO A 318 -0.35 14.25 11.62
N ILE A 319 0.43 14.59 10.60
CA ILE A 319 0.59 13.75 9.41
C ILE A 319 1.35 12.42 9.79
N PRO A 320 0.82 11.21 9.41
CA PRO A 320 1.51 9.98 9.82
C PRO A 320 2.77 9.75 9.00
N GLY A 321 3.70 8.99 9.53
CA GLY A 321 4.95 8.69 8.84
C GLY A 321 4.79 7.56 7.84
N PRO A 322 5.80 7.26 6.98
CA PRO A 322 5.63 6.15 6.04
C PRO A 322 5.42 4.79 6.71
N LEU A 323 6.06 4.55 7.87
CA LEU A 323 5.96 3.26 8.55
C LEU A 323 4.71 3.11 9.41
N ASP A 324 3.77 4.06 9.26
CA ASP A 324 2.49 4.04 9.97
C ASP A 324 1.40 3.44 9.09
N ALA A 325 1.73 3.31 7.80
CA ALA A 325 0.86 2.82 6.74
C ALA A 325 0.49 1.34 6.87
N PRO A 326 -0.80 0.96 6.57
CA PRO A 326 -1.15 -0.48 6.56
C PRO A 326 -0.53 -1.16 5.33
N THR A 327 -0.10 -2.42 5.46
CA THR A 327 0.49 -3.16 4.35
C THR A 327 -0.46 -4.32 3.96
N PRO A 328 -0.57 -4.70 2.66
CA PRO A 328 -1.43 -5.84 2.30
C PRO A 328 -0.86 -7.18 2.82
N THR A 329 -1.40 -7.64 3.96
CA THR A 329 -0.98 -8.86 4.63
C THR A 329 -1.97 -9.96 4.37
N ASP A 330 -3.23 -9.55 4.17
CA ASP A 330 -4.39 -10.39 3.88
C ASP A 330 -4.82 -10.00 2.47
N MET A 331 -4.57 -10.89 1.50
CA MET A 331 -4.91 -10.67 0.08
C MET A 331 -6.42 -10.55 -0.19
N THR A 332 -7.27 -11.01 0.74
CA THR A 332 -8.73 -10.98 0.58
C THR A 332 -9.29 -9.56 0.72
N LYS A 333 -8.82 -8.80 1.73
CA LYS A 333 -9.26 -7.44 2.08
C LYS A 333 -9.00 -6.38 0.98
N GLN A 334 -10.08 -5.72 0.55
CA GLN A 334 -10.09 -4.74 -0.54
C GLN A 334 -10.12 -3.29 -0.05
N THR A 335 -10.08 -3.09 1.28
CA THR A 335 -10.00 -1.78 1.95
C THR A 335 -9.05 -1.97 3.13
N ARG A 336 -8.07 -1.09 3.27
CA ARG A 336 -7.13 -1.08 4.40
C ARG A 336 -6.87 0.40 4.74
N SER A 337 -6.72 0.72 6.04
CA SER A 337 -6.55 2.11 6.50
C SER A 337 -5.76 2.26 7.83
N TYR A 338 -4.95 3.33 7.90
CA TYR A 338 -4.24 3.69 9.11
C TYR A 338 -5.18 4.53 10.00
N PHE A 339 -6.14 5.18 9.37
CA PHE A 339 -7.00 6.12 10.07
C PHE A 339 -8.13 5.48 10.86
N THR A 340 -8.47 4.21 10.56
CA THR A 340 -9.63 3.50 11.09
C THR A 340 -9.81 3.68 12.63
N PRO A 341 -11.01 4.19 13.05
CA PRO A 341 -11.26 4.44 14.47
C PRO A 341 -11.37 3.19 15.37
N THR A 342 -11.08 3.39 16.66
CA THR A 342 -11.10 2.33 17.68
C THR A 342 -12.54 1.92 18.04
N VAL A 343 -13.42 2.90 18.36
CA VAL A 343 -14.80 2.64 18.80
C VAL A 343 -15.77 2.35 17.62
N SER A 344 -16.34 1.11 17.64
CA SER A 344 -17.35 0.55 16.72
C SER A 344 -17.84 -0.83 17.19
N PRO A 345 -19.12 -1.25 16.91
CA PRO A 345 -19.55 -2.63 17.27
C PRO A 345 -18.85 -3.72 16.42
N GLN A 346 -18.42 -3.35 15.20
CA GLN A 346 -17.71 -4.17 14.22
C GLN A 346 -16.28 -4.48 14.68
N SER A 347 -15.83 -5.75 14.44
CA SER A 347 -14.47 -6.20 14.79
C SER A 347 -13.50 -5.55 13.77
N ARG A 348 -13.97 -5.41 12.53
CA ARG A 348 -13.28 -4.75 11.42
C ARG A 348 -14.15 -3.51 11.16
N PRO A 349 -13.87 -2.35 11.83
CA PRO A 349 -14.72 -1.15 11.67
C PRO A 349 -14.86 -0.66 10.22
N ALA A 350 -15.96 0.06 9.93
CA ALA A 350 -16.19 0.64 8.61
C ALA A 350 -15.09 1.67 8.43
N MET A 351 -14.24 1.48 7.43
CA MET A 351 -13.08 2.32 7.19
C MET A 351 -13.36 3.54 6.35
N PHE A 352 -14.51 3.55 5.70
CA PHE A 352 -15.00 4.69 4.93
C PHE A 352 -16.51 4.72 5.08
N THR A 353 -17.13 5.85 4.70
CA THR A 353 -18.57 6.04 4.70
C THR A 353 -18.99 6.74 3.42
N ARG A 354 -19.99 6.19 2.69
CA ARG A 354 -20.58 6.82 1.50
C ARG A 354 -21.49 7.93 2.02
N LEU A 355 -21.28 9.16 1.60
CA LEU A 355 -22.12 10.26 2.11
C LEU A 355 -23.29 10.64 1.21
N ALA A 356 -23.01 10.92 -0.07
CA ALA A 356 -24.04 11.32 -1.04
C ALA A 356 -23.60 10.90 -2.42
N GLN A 357 -24.53 10.92 -3.38
CA GLN A 357 -24.25 10.58 -4.77
C GLN A 357 -24.89 11.63 -5.69
N PHE A 358 -24.04 12.44 -6.36
CA PHE A 358 -24.52 13.44 -7.28
C PHE A 358 -24.91 12.72 -8.56
N HIS A 359 -26.15 12.87 -9.00
CA HIS A 359 -26.59 12.15 -10.19
C HIS A 359 -26.16 12.83 -11.45
N THR A 360 -25.26 12.17 -12.19
CA THR A 360 -24.74 12.66 -13.48
C THR A 360 -25.24 11.69 -14.56
N PRO A 361 -26.54 11.76 -14.94
CA PRO A 361 -27.06 10.80 -15.93
C PRO A 361 -26.38 10.88 -17.30
N ASP A 362 -26.52 9.80 -18.06
CA ASP A 362 -26.06 9.62 -19.42
C ASP A 362 -24.56 9.94 -19.59
N CYS A 363 -23.72 9.04 -19.10
CA CYS A 363 -22.27 9.12 -19.25
C CYS A 363 -21.77 7.93 -20.09
N GLY A 364 -22.61 6.90 -20.14
CA GLY A 364 -22.36 5.67 -20.88
C GLY A 364 -21.11 4.99 -20.40
N VAL A 365 -20.44 4.33 -21.34
CA VAL A 365 -19.21 3.60 -21.07
C VAL A 365 -17.95 4.53 -21.19
N GLN A 366 -18.17 5.86 -21.25
CA GLN A 366 -17.09 6.85 -21.39
C GLN A 366 -16.27 7.02 -20.16
N PHE A 367 -14.97 7.25 -20.32
CA PHE A 367 -14.12 7.53 -19.17
C PHE A 367 -13.21 8.70 -19.49
N PHE A 368 -12.42 9.17 -18.52
CA PHE A 368 -11.60 10.37 -18.60
C PHE A 368 -12.53 11.58 -18.82
N MET A 369 -13.43 11.75 -17.84
CA MET A 369 -14.49 12.76 -17.71
C MET A 369 -14.37 13.22 -16.29
N ARG A 370 -14.06 14.49 -16.10
CA ARG A 370 -13.75 15.01 -14.77
C ARG A 370 -14.64 16.20 -14.38
N PHE A 371 -14.92 16.33 -13.09
CA PHE A 371 -15.72 17.39 -12.51
C PHE A 371 -14.80 18.42 -11.84
N ARG A 372 -15.37 19.44 -11.17
CA ARG A 372 -14.64 20.45 -10.44
C ARG A 372 -15.54 21.30 -9.61
N MET A 373 -15.15 21.40 -8.33
CA MET A 373 -15.79 22.19 -7.29
C MET A 373 -15.13 23.56 -7.22
N TYR A 374 -15.96 24.61 -7.04
CA TYR A 374 -15.52 25.99 -6.85
C TYR A 374 -15.60 26.18 -5.37
N HIS A 375 -14.44 26.16 -4.69
CA HIS A 375 -14.35 26.20 -3.24
C HIS A 375 -13.45 27.35 -2.80
N VAL A 376 -14.08 28.49 -2.48
CA VAL A 376 -13.44 29.76 -2.12
C VAL A 376 -14.10 30.45 -0.91
N PRO A 377 -13.32 31.17 -0.07
CA PRO A 377 -13.91 31.87 1.08
C PRO A 377 -14.94 32.96 0.68
N GLY A 378 -16.06 33.00 1.40
CA GLY A 378 -17.11 33.99 1.21
C GLY A 378 -18.00 33.81 0.00
N LYS A 379 -17.90 32.67 -0.69
CA LYS A 379 -18.72 32.32 -1.86
C LYS A 379 -19.24 30.89 -1.71
N HIS A 380 -20.40 30.57 -2.28
CA HIS A 380 -21.01 29.24 -2.20
C HIS A 380 -20.23 28.14 -2.93
N PRO A 381 -20.19 26.89 -2.40
CA PRO A 381 -19.45 25.83 -3.12
C PRO A 381 -20.24 25.28 -4.29
N ILE A 382 -19.68 25.39 -5.49
CA ILE A 382 -20.38 24.94 -6.69
C ILE A 382 -19.69 23.79 -7.33
N LEU A 383 -20.41 22.71 -7.54
CA LEU A 383 -19.88 21.54 -8.23
C LEU A 383 -20.43 21.59 -9.63
N ALA A 384 -19.52 21.53 -10.61
CA ALA A 384 -19.86 21.51 -12.02
C ALA A 384 -19.29 20.25 -12.68
N PHE A 385 -20.07 19.67 -13.58
CA PHE A 385 -19.71 18.48 -14.34
C PHE A 385 -20.51 18.44 -15.62
N ALA A 386 -19.88 18.00 -16.73
CA ALA A 386 -20.53 17.83 -18.04
C ALA A 386 -20.42 16.37 -18.44
N ASN A 387 -21.56 15.76 -18.84
CA ASN A 387 -21.68 14.34 -19.21
C ASN A 387 -21.29 14.04 -20.68
N ALA A 388 -21.79 12.91 -21.24
CA ALA A 388 -21.51 12.43 -22.59
C ALA A 388 -22.71 12.60 -23.58
N LYS A 389 -23.74 13.36 -23.17
CA LYS A 389 -24.93 13.59 -24.00
C LYS A 389 -25.33 15.06 -23.99
N SER A 390 -24.34 15.94 -24.20
CA SER A 390 -24.46 17.40 -24.28
C SER A 390 -25.27 18.05 -23.14
N LYS A 391 -24.80 17.86 -21.88
CA LYS A 391 -25.44 18.48 -20.72
C LYS A 391 -24.40 18.91 -19.69
N THR A 392 -24.54 20.15 -19.15
CA THR A 392 -23.68 20.66 -18.09
C THR A 392 -24.50 20.79 -16.82
N PHE A 393 -24.07 20.11 -15.74
CA PHE A 393 -24.70 20.11 -14.43
C PHE A 393 -23.95 20.98 -13.43
N PHE A 394 -24.72 21.60 -12.54
CA PHE A 394 -24.26 22.44 -11.44
C PHE A 394 -25.07 22.11 -10.17
N TRP A 395 -24.36 22.05 -9.02
CA TRP A 395 -24.93 21.92 -7.67
C TRP A 395 -24.39 23.05 -6.80
N ASP A 396 -25.29 23.75 -6.13
CA ASP A 396 -24.93 24.77 -5.16
C ASP A 396 -25.02 24.07 -3.79
N LEU A 397 -23.89 23.62 -3.26
CA LEU A 397 -23.83 22.89 -2.00
C LEU A 397 -24.42 23.67 -0.82
N ALA A 398 -24.43 25.01 -0.87
CA ALA A 398 -24.98 25.86 0.18
C ALA A 398 -26.53 25.74 0.32
N ARG A 399 -27.18 25.16 -0.71
CA ARG A 399 -28.62 24.92 -0.77
C ARG A 399 -29.01 23.76 0.12
N PHE A 400 -28.11 22.76 0.26
CA PHE A 400 -28.42 21.57 1.03
C PHE A 400 -28.84 21.88 2.46
N GLY A 401 -28.02 22.64 3.17
CA GLY A 401 -28.27 23.00 4.56
C GLY A 401 -29.44 23.91 4.78
N GLU A 402 -29.72 24.81 3.84
CA GLU A 402 -30.85 25.75 3.86
C GLU A 402 -32.12 24.93 3.74
N TYR A 403 -32.15 23.99 2.76
CA TYR A 403 -33.23 23.04 2.60
C TYR A 403 -33.36 22.21 3.89
N ALA A 404 -32.23 21.70 4.43
CA ALA A 404 -32.19 20.91 5.65
C ALA A 404 -32.77 21.64 6.84
N ARG A 405 -32.41 22.94 7.05
CA ARG A 405 -32.96 23.76 8.15
C ARG A 405 -34.45 23.96 7.93
N PHE A 406 -34.84 24.16 6.68
CA PHE A 406 -36.22 24.37 6.30
C PHE A 406 -37.10 23.19 6.62
N MET A 407 -36.69 21.99 6.21
CA MET A 407 -37.43 20.76 6.42
C MET A 407 -37.59 20.41 7.87
N ALA A 408 -36.56 20.67 8.70
CA ALA A 408 -36.56 20.42 10.15
C ALA A 408 -37.58 21.32 10.84
N ASP A 409 -37.57 22.63 10.50
CA ASP A 409 -38.51 23.63 10.99
C ASP A 409 -39.93 23.25 10.62
N LEU A 410 -40.13 22.83 9.36
CA LEU A 410 -41.42 22.41 8.82
C LEU A 410 -41.97 21.15 9.51
N LYS A 411 -41.13 20.15 9.78
CA LYS A 411 -41.56 18.93 10.48
C LYS A 411 -41.96 19.30 11.89
N GLU A 412 -41.11 20.10 12.60
CA GLU A 412 -41.37 20.57 13.96
C GLU A 412 -42.72 21.33 14.02
N ALA A 413 -42.89 22.34 13.17
CA ALA A 413 -44.16 23.08 13.15
C ALA A 413 -45.37 22.19 12.82
N GLN A 414 -45.16 21.15 12.00
CA GLN A 414 -46.24 20.23 11.66
C GLN A 414 -46.65 19.44 12.88
N GLN A 415 -45.68 18.99 13.70
CA GLN A 415 -45.95 18.24 14.94
C GLN A 415 -46.58 19.14 15.99
N SER A 416 -45.96 20.32 16.26
CA SER A 416 -46.45 21.26 17.26
C SER A 416 -47.81 21.89 16.93
N TYR A 417 -48.12 22.11 15.63
CA TYR A 417 -49.38 22.77 15.26
C TYR A 417 -50.39 21.86 14.59
N ASN A 418 -50.24 20.54 14.79
CA ASN A 418 -51.16 19.52 14.27
C ASN A 418 -51.43 19.66 12.76
N GLY A 419 -50.40 20.10 12.04
CA GLY A 419 -50.46 20.30 10.59
C GLY A 419 -50.77 21.72 10.15
N ARG A 420 -51.20 22.61 11.08
CA ARG A 420 -51.51 24.02 10.75
C ARG A 420 -50.21 24.85 10.60
N VAL A 421 -49.56 24.75 9.43
CA VAL A 421 -48.30 25.45 9.11
C VAL A 421 -48.40 26.27 7.81
N VAL A 422 -48.10 27.58 7.93
CA VAL A 422 -48.05 28.55 6.84
C VAL A 422 -46.57 28.85 6.49
N VAL A 423 -46.20 28.69 5.21
CA VAL A 423 -44.83 28.93 4.73
C VAL A 423 -44.70 30.27 4.02
N VAL A 424 -43.74 31.11 4.43
CA VAL A 424 -43.48 32.43 3.85
C VAL A 424 -42.03 32.54 3.37
N ASP A 425 -41.82 32.99 2.11
CA ASP A 425 -40.52 33.18 1.45
C ASP A 425 -39.64 34.24 2.12
N GLN A 426 -38.31 34.00 2.18
CA GLN A 426 -37.32 34.92 2.73
C GLN A 426 -37.20 36.28 1.94
N GLY A 427 -37.83 36.35 0.76
CA GLY A 427 -37.89 37.54 -0.07
C GLY A 427 -39.21 38.26 0.11
N GLN A 428 -39.24 39.25 1.05
CA GLN A 428 -40.39 40.08 1.44
C GLN A 428 -41.37 40.41 0.30
N ILE A 430 -44.03 38.95 5.37
CA ILE A 430 -42.78 39.65 5.09
C ILE A 430 -41.69 39.22 6.06
N SER A 431 -41.96 39.35 7.36
CA SER A 431 -41.04 38.91 8.40
C SER A 431 -41.74 37.85 9.24
N LEU A 432 -40.93 36.97 9.86
CA LEU A 432 -41.37 35.88 10.73
C LEU A 432 -42.31 36.40 11.82
N ALA A 433 -41.89 37.42 12.60
CA ALA A 433 -42.73 38.03 13.63
C ALA A 433 -44.03 38.65 13.05
N GLN A 434 -43.94 39.25 11.84
CA GLN A 434 -45.05 39.88 11.10
C GLN A 434 -46.08 38.85 10.63
N ALA A 435 -45.62 37.66 10.17
CA ALA A 435 -46.46 36.60 9.62
C ALA A 435 -47.31 35.93 10.69
N GLN A 436 -46.69 35.70 11.86
CA GLN A 436 -47.29 35.12 13.06
C GLN A 436 -48.45 36.04 13.50
N GLN A 437 -48.21 37.35 13.41
CA GLN A 437 -49.18 38.39 13.72
C GLN A 437 -50.39 38.39 12.76
N VAL A 438 -50.27 37.74 11.57
CA VAL A 438 -51.34 37.64 10.56
C VAL A 438 -52.21 36.37 10.76
N HIS A 439 -51.57 35.20 11.01
CA HIS A 439 -52.27 33.93 11.10
C HIS A 439 -52.71 33.52 12.51
N GLY A 440 -52.28 34.28 13.51
CA GLY A 440 -52.67 34.00 14.87
C GLY A 440 -51.96 32.83 15.52
N PRO A 441 -52.29 32.58 16.82
CA PRO A 441 -51.58 31.52 17.58
C PRO A 441 -51.77 30.08 17.10
N GLY A 442 -52.91 29.78 16.49
CA GLY A 442 -53.23 28.44 16.01
C GLY A 442 -52.32 27.90 14.93
N VAL A 443 -51.84 28.79 14.04
CA VAL A 443 -51.01 28.47 12.88
C VAL A 443 -49.55 28.78 13.15
N GLY A 444 -48.68 27.86 12.77
CA GLY A 444 -47.25 28.02 12.89
C GLY A 444 -46.70 28.58 11.60
N VAL A 445 -45.62 29.37 11.69
CA VAL A 445 -44.99 30.01 10.53
C VAL A 445 -43.56 29.54 10.35
N VAL A 446 -43.23 29.11 9.14
CA VAL A 446 -41.88 28.65 8.77
C VAL A 446 -41.37 29.47 7.57
N MET A 447 -40.12 29.95 7.65
CA MET A 447 -39.55 30.75 6.55
C MET A 447 -38.89 29.87 5.51
N LYS A 448 -39.26 30.08 4.24
CA LYS A 448 -38.72 29.32 3.11
C LYS A 448 -37.67 30.12 2.33
N PRO A 449 -36.53 29.50 1.93
CA PRO A 449 -35.57 30.20 1.06
C PRO A 449 -36.26 30.48 -0.28
N ALA A 450 -36.21 31.75 -0.75
CA ALA A 450 -36.84 32.20 -2.00
C ALA A 450 -36.56 31.31 -3.25
N TRP A 451 -35.33 30.75 -3.38
CA TRP A 451 -34.96 29.83 -4.49
C TRP A 451 -35.64 28.46 -4.44
N LEU A 452 -36.35 28.16 -3.36
CA LEU A 452 -36.99 26.85 -3.23
C LEU A 452 -38.45 26.99 -3.73
N VAL A 453 -38.61 27.07 -5.07
CA VAL A 453 -39.87 27.28 -5.76
C VAL A 453 -40.75 26.02 -5.80
N PRO A 454 -42.07 26.15 -5.49
CA PRO A 454 -42.96 24.97 -5.54
C PRO A 454 -43.27 24.49 -6.96
N LYS A 455 -44.31 23.62 -7.08
CA LYS A 455 -44.78 23.07 -8.35
C LYS A 455 -46.30 23.22 -8.47
N MET A 517 -40.49 11.84 6.22
CA MET A 517 -41.26 12.03 7.45
C MET A 517 -41.76 13.51 7.62
N VAL A 518 -42.25 14.09 6.51
CA VAL A 518 -42.88 15.41 6.40
C VAL A 518 -44.16 15.15 5.61
N SER A 519 -45.28 15.60 6.14
CA SER A 519 -46.56 15.41 5.50
C SER A 519 -46.85 16.41 4.40
N ALA A 520 -47.59 15.95 3.39
CA ALA A 520 -48.03 16.76 2.26
C ALA A 520 -49.49 17.18 2.54
N SER A 521 -49.94 18.29 1.90
CA SER A 521 -51.31 18.80 2.08
C SER A 521 -52.36 17.69 1.81
N PRO A 522 -53.48 17.62 2.58
CA PRO A 522 -54.45 16.55 2.32
C PRO A 522 -55.04 16.61 0.91
N ASP A 523 -55.35 17.83 0.42
CA ASP A 523 -55.94 18.06 -0.92
C ASP A 523 -55.32 19.29 -1.62
N PRO A 524 -55.42 19.46 -2.97
CA PRO A 524 -54.80 20.64 -3.61
C PRO A 524 -55.18 22.02 -3.04
N ASP A 525 -56.48 22.23 -2.72
CA ASP A 525 -57.03 23.48 -2.19
C ASP A 525 -56.78 23.71 -0.69
N SER A 526 -55.96 22.87 -0.04
CA SER A 526 -55.64 23.01 1.38
C SER A 526 -54.72 24.23 1.59
N PRO A 527 -54.97 25.10 2.59
CA PRO A 527 -54.09 26.26 2.80
C PRO A 527 -52.74 25.95 3.46
N PHE A 528 -52.53 24.73 3.97
CA PHE A 528 -51.29 24.37 4.65
C PHE A 528 -50.56 23.27 3.95
N GLY A 529 -49.26 23.45 3.80
CA GLY A 529 -48.38 22.48 3.18
C GLY A 529 -48.30 22.50 1.67
N PHE A 530 -47.48 21.60 1.13
CA PHE A 530 -47.26 21.45 -0.30
C PHE A 530 -47.73 20.06 -0.77
N SER A 531 -47.80 19.89 -2.11
CA SER A 531 -48.19 18.63 -2.76
C SER A 531 -47.04 17.64 -2.65
N ARG A 532 -47.31 16.35 -2.93
CA ARG A 532 -46.28 15.30 -2.94
C ARG A 532 -45.28 15.58 -4.07
N GLU A 533 -45.77 16.07 -5.22
CA GLU A 533 -44.99 16.44 -6.41
C GLU A 533 -43.97 17.52 -6.04
N THR A 534 -44.42 18.59 -5.34
CA THR A 534 -43.53 19.66 -4.89
C THR A 534 -42.42 19.10 -3.98
N LEU A 535 -42.81 18.29 -2.98
CA LEU A 535 -41.89 17.72 -2.00
C LEU A 535 -40.91 16.73 -2.57
N GLN A 536 -41.37 15.89 -3.56
CA GLN A 536 -40.52 14.91 -4.23
C GLN A 536 -39.53 15.59 -5.14
N ALA A 537 -39.92 16.72 -5.75
CA ALA A 537 -39.06 17.54 -6.60
C ALA A 537 -37.92 18.12 -5.77
N TRP A 538 -38.23 18.66 -4.56
CA TRP A 538 -37.26 19.22 -3.63
C TRP A 538 -36.34 18.17 -3.07
N ALA A 539 -36.87 17.01 -2.65
CA ALA A 539 -36.05 15.92 -2.10
C ALA A 539 -35.11 15.31 -3.19
N ASP A 540 -35.56 15.29 -4.46
CA ASP A 540 -34.72 14.79 -5.54
C ASP A 540 -33.44 15.61 -5.62
N MET A 541 -33.57 16.93 -5.59
CA MET A 541 -32.47 17.89 -5.67
C MET A 541 -31.73 18.20 -4.38
N TYR A 542 -32.39 18.14 -3.22
CA TYR A 542 -31.72 18.61 -2.01
C TYR A 542 -31.69 17.62 -0.86
N ASP A 543 -32.42 16.50 -0.93
CA ASP A 543 -32.38 15.54 0.19
C ASP A 543 -31.08 14.78 0.25
N LEU A 544 -30.43 14.78 1.46
CA LEU A 544 -29.13 14.13 1.73
C LEU A 544 -29.22 12.98 2.73
N SER A 545 -30.42 12.47 2.97
CA SER A 545 -30.64 11.41 3.95
C SER A 545 -30.30 10.02 3.47
N ASN A 546 -30.20 9.81 2.14
CA ASN A 546 -29.90 8.49 1.56
C ASN A 546 -28.51 8.41 0.88
N PRO A 547 -27.54 7.67 1.45
CA PRO A 547 -26.19 7.61 0.82
C PRO A 547 -26.19 7.00 -0.58
N VAL A 548 -27.24 6.23 -0.92
CA VAL A 548 -27.35 5.58 -2.24
C VAL A 548 -28.55 6.15 -3.01
N GLY A 549 -28.89 7.39 -2.67
CA GLY A 549 -29.88 8.18 -3.36
C GLY A 549 -29.21 8.81 -4.57
N LEU A 550 -29.91 9.74 -5.23
CA LEU A 550 -29.39 10.42 -6.40
C LEU A 550 -29.76 11.88 -6.33
N ILE A 551 -28.76 12.76 -6.19
CA ILE A 551 -28.99 14.20 -6.14
C ILE A 551 -29.17 14.72 -7.57
N LYS A 552 -30.36 15.22 -7.87
CA LYS A 552 -30.70 15.81 -9.15
C LYS A 552 -29.96 17.15 -9.23
N ALA A 553 -29.30 17.43 -10.37
CA ALA A 553 -28.58 18.68 -10.58
C ALA A 553 -29.52 19.86 -10.29
N HIS A 554 -28.96 20.93 -9.70
CA HIS A 554 -29.75 22.11 -9.35
C HIS A 554 -29.99 22.93 -10.60
N ARG A 555 -29.10 22.76 -11.60
CA ARG A 555 -29.19 23.41 -12.93
C ARG A 555 -28.54 22.50 -13.95
N SER A 556 -29.31 22.13 -15.02
CA SER A 556 -28.86 21.33 -16.16
C SER A 556 -28.95 22.21 -17.39
N LEU A 557 -27.84 22.55 -17.98
CA LEU A 557 -27.87 23.37 -19.18
C LEU A 557 -27.51 22.53 -20.39
N ALA A 558 -28.43 22.49 -21.39
CA ALA A 558 -28.28 21.75 -22.67
C ALA A 558 -27.22 22.40 -23.56
N ILE A 559 -26.69 21.59 -24.48
CA ILE A 559 -25.66 22.01 -25.44
C ILE A 559 -26.06 21.44 -26.82
N ASP A 560 -25.53 22.04 -27.87
CA ASP A 560 -25.76 21.57 -29.22
C ASP A 560 -24.40 21.24 -29.84
N GLY A 561 -24.24 20.11 -30.54
CA GLY A 561 -25.23 19.07 -30.75
C GLY A 561 -24.80 17.87 -29.92
N ALA A 562 -23.66 17.25 -30.29
CA ALA A 562 -23.08 16.12 -29.57
C ALA A 562 -21.83 16.60 -28.85
N PHE A 563 -21.77 16.40 -27.53
CA PHE A 563 -20.65 16.85 -26.72
C PHE A 563 -20.34 15.95 -25.53
N VAL A 564 -19.10 15.47 -25.50
CA VAL A 564 -18.58 14.67 -24.39
C VAL A 564 -17.63 15.62 -23.67
N GLY A 565 -17.87 15.82 -22.39
CA GLY A 565 -17.06 16.72 -21.58
C GLY A 565 -15.87 16.00 -20.99
N ARG A 566 -14.71 16.63 -21.04
CA ARG A 566 -13.50 16.03 -20.49
C ARG A 566 -13.08 16.70 -19.18
N GLN A 567 -13.23 18.03 -19.07
CA GLN A 567 -12.81 18.78 -17.90
C GLN A 567 -13.63 20.06 -17.69
N VAL A 568 -13.75 20.49 -16.44
CA VAL A 568 -14.43 21.72 -16.01
C VAL A 568 -13.40 22.56 -15.24
N GLY A 569 -13.46 23.88 -15.40
CA GLY A 569 -12.58 24.83 -14.74
C GLY A 569 -13.30 26.10 -14.31
N TRP A 570 -12.96 26.61 -13.12
CA TRP A 570 -13.55 27.82 -12.51
C TRP A 570 -12.58 28.96 -12.40
N SER A 571 -13.02 30.17 -12.74
CA SER A 571 -12.22 31.39 -12.61
C SER A 571 -12.02 31.71 -11.12
N PRO A 572 -10.90 32.40 -10.77
CA PRO A 572 -10.63 32.71 -9.35
C PRO A 572 -11.80 33.34 -8.60
N GLU A 573 -12.53 34.29 -9.23
CA GLU A 573 -13.72 34.93 -8.60
C GLU A 573 -15.03 34.14 -8.77
N GLY A 574 -14.97 33.04 -9.51
CA GLY A 574 -16.11 32.14 -9.76
C GLY A 574 -17.19 32.65 -10.68
N GLU A 575 -16.92 33.73 -11.43
CA GLU A 575 -17.90 34.31 -12.34
C GLU A 575 -17.90 33.62 -13.71
N TRP A 576 -16.86 32.79 -13.96
CA TRP A 576 -16.65 32.05 -15.20
C TRP A 576 -16.46 30.57 -14.91
N CYS A 577 -17.14 29.74 -15.70
CA CYS A 577 -17.01 28.30 -15.65
C CYS A 577 -16.81 27.80 -17.10
N VAL A 578 -15.65 27.17 -17.34
CA VAL A 578 -15.31 26.69 -18.67
C VAL A 578 -15.34 25.15 -18.70
N VAL A 579 -16.07 24.59 -19.67
CA VAL A 579 -16.17 23.15 -19.88
C VAL A 579 -15.53 22.87 -21.24
N VAL A 580 -14.58 21.91 -21.30
CA VAL A 580 -13.91 21.56 -22.56
C VAL A 580 -14.11 20.06 -22.93
N GLY A 581 -14.09 19.75 -24.23
CA GLY A 581 -14.26 18.37 -24.67
C GLY A 581 -13.98 18.08 -26.13
N ASN A 582 -14.70 17.08 -26.66
CA ASN A 582 -14.59 16.56 -28.01
C ASN A 582 -14.88 17.59 -29.13
N GLY A 583 -14.14 17.45 -30.23
CA GLY A 583 -14.21 18.32 -31.40
C GLY A 583 -13.41 19.60 -31.24
N ASN A 584 -12.68 19.72 -30.09
CA ASN A 584 -11.87 20.87 -29.62
C ASN A 584 -12.83 21.98 -29.23
N ARG A 585 -13.91 21.62 -28.52
CA ARG A 585 -14.94 22.58 -28.15
C ARG A 585 -14.74 23.07 -26.75
N ALA A 586 -15.07 24.35 -26.52
CA ALA A 586 -15.00 25.00 -25.22
C ALA A 586 -16.28 25.77 -25.00
N LEU A 587 -16.96 25.48 -23.90
CA LEU A 587 -18.21 26.16 -23.54
C LEU A 587 -17.94 27.05 -22.36
N ILE A 588 -18.19 28.37 -22.52
CA ILE A 588 -17.97 29.35 -21.46
C ILE A 588 -19.30 29.83 -20.86
N TYR A 589 -19.47 29.56 -19.56
CA TYR A 589 -20.62 29.93 -18.75
C TYR A 589 -20.21 31.05 -17.83
N GLN A 590 -21.14 31.96 -17.55
CA GLN A 590 -20.87 33.09 -16.69
C GLN A 590 -22.02 33.34 -15.73
N ARG A 591 -21.70 33.90 -14.56
CA ARG A 591 -22.64 34.43 -13.58
C ARG A 591 -22.15 35.84 -13.21
N TRP A 592 -23.05 36.67 -12.67
CA TRP A 592 -22.79 38.04 -12.23
C TRP A 592 -22.23 38.86 -13.35
N GLY A 593 -22.92 38.81 -14.49
CA GLY A 593 -22.53 39.49 -15.71
C GLY A 593 -22.76 40.98 -15.58
N LYS A 594 -22.16 41.75 -16.50
CA LYS A 594 -22.26 43.22 -16.56
C LYS A 594 -23.03 43.65 -17.82
N GLU A 595 -23.54 42.66 -18.59
CA GLU A 595 -24.28 42.86 -19.83
C GLU A 595 -25.52 43.68 -19.58
N ARG A 596 -25.59 44.83 -20.27
CA ARG A 596 -26.70 45.78 -20.18
C ARG A 596 -27.61 45.54 -21.39
N GLY A 597 -28.57 44.65 -21.19
CA GLY A 597 -29.53 44.22 -22.20
C GLY A 597 -30.54 45.29 -22.54
N GLU B 15 -46.88 -9.50 26.68
CA GLU B 15 -46.66 -8.07 26.54
C GLU B 15 -46.22 -7.66 25.12
N TRP B 16 -45.32 -8.46 24.49
CA TRP B 16 -44.84 -8.22 23.11
C TRP B 16 -45.29 -9.32 22.13
N THR B 17 -45.22 -8.98 20.83
CA THR B 17 -45.57 -9.79 19.67
C THR B 17 -44.67 -9.36 18.52
N VAL B 18 -44.49 -10.21 17.46
CA VAL B 18 -43.67 -9.89 16.29
C VAL B 18 -44.15 -8.61 15.63
N ASP B 19 -45.47 -8.49 15.42
CA ASP B 19 -46.09 -7.32 14.79
C ASP B 19 -45.73 -6.00 15.51
N LYS B 20 -45.86 -5.95 16.85
CA LYS B 20 -45.54 -4.77 17.65
C LYS B 20 -44.05 -4.40 17.67
N ILE B 21 -43.10 -5.37 17.69
CA ILE B 21 -41.64 -5.09 17.64
C ILE B 21 -41.29 -4.51 16.23
N ALA B 22 -41.82 -5.15 15.16
CA ALA B 22 -41.67 -4.78 13.77
C ALA B 22 -42.22 -3.37 13.57
N SER B 23 -43.33 -3.05 14.27
CA SER B 23 -43.95 -1.74 14.21
C SER B 23 -43.04 -0.73 14.91
N ALA B 24 -42.49 -1.12 16.07
CA ALA B 24 -41.57 -0.30 16.85
C ALA B 24 -40.27 -0.02 16.10
N LEU B 25 -39.67 -1.06 15.46
CA LEU B 25 -38.42 -0.97 14.69
C LEU B 25 -38.53 -0.02 13.50
N SER B 26 -39.70 0.01 12.81
CA SER B 26 -40.00 0.89 11.67
C SER B 26 -40.00 2.36 12.11
N VAL B 27 -40.43 2.62 13.34
CA VAL B 27 -40.44 3.95 13.93
C VAL B 27 -39.01 4.36 14.32
N LEU B 28 -38.22 3.43 14.87
CA LEU B 28 -36.82 3.68 15.23
C LEU B 28 -35.94 3.85 13.96
N ALA B 29 -36.14 3.02 12.92
CA ALA B 29 -35.37 3.05 11.68
C ALA B 29 -35.39 4.43 10.97
N GLU B 30 -36.38 5.28 11.28
CA GLU B 30 -36.51 6.63 10.75
C GLU B 30 -35.38 7.53 11.27
N GLU B 31 -34.65 7.08 12.34
CA GLU B 31 -33.50 7.78 12.91
C GLU B 31 -32.36 7.78 11.91
N VAL B 32 -32.16 6.63 11.22
CA VAL B 32 -31.07 6.41 10.27
C VAL B 32 -31.03 7.51 9.16
N PRO B 33 -32.13 7.76 8.34
CA PRO B 33 -32.05 8.85 7.34
C PRO B 33 -31.99 10.25 7.98
N GLN B 34 -32.57 10.42 9.18
CA GLN B 34 -32.49 11.69 9.95
C GLN B 34 -31.03 12.02 10.32
N ASN B 35 -30.31 11.06 10.93
CA ASN B 35 -28.90 11.13 11.29
C ASN B 35 -27.97 11.28 10.10
N HIS B 36 -28.21 10.51 9.02
CA HIS B 36 -27.37 10.64 7.85
C HIS B 36 -27.42 12.08 7.33
N SER B 37 -28.64 12.64 7.17
CA SER B 37 -28.78 14.00 6.71
C SER B 37 -28.08 15.03 7.64
N ARG B 38 -28.16 14.83 9.00
CA ARG B 38 -27.50 15.73 9.96
C ARG B 38 -25.96 15.61 9.78
N LEU B 39 -25.44 14.36 9.66
CA LEU B 39 -24.01 14.09 9.42
C LEU B 39 -23.51 14.78 8.14
N VAL B 40 -24.10 14.44 6.96
CA VAL B 40 -23.71 15.00 5.68
C VAL B 40 -23.74 16.50 5.73
N ASN B 41 -24.85 17.09 6.18
CA ASN B 41 -24.98 18.55 6.23
C ASN B 41 -23.91 19.16 7.15
N PHE B 42 -23.70 18.57 8.32
CA PHE B 42 -22.64 19.00 9.24
C PHE B 42 -21.25 18.99 8.58
N LEU B 43 -20.91 17.87 7.87
CA LEU B 43 -19.63 17.71 7.21
C LEU B 43 -19.49 18.69 6.09
N LEU B 44 -20.60 19.08 5.45
CA LEU B 44 -20.56 20.06 4.35
C LEU B 44 -20.39 21.47 4.90
N GLU B 45 -21.14 21.82 5.98
CA GLU B 45 -21.04 23.15 6.62
C GLU B 45 -19.62 23.42 7.13
N GLU B 46 -19.02 22.43 7.83
CA GLU B 46 -17.65 22.48 8.30
C GLU B 46 -16.65 22.74 7.15
N THR B 47 -16.86 22.10 5.98
CA THR B 47 -15.99 22.27 4.82
C THR B 47 -16.08 23.66 4.20
N GLU B 48 -17.28 24.26 4.16
CA GLU B 48 -17.49 25.57 3.56
C GLU B 48 -16.80 26.64 4.37
N LYS B 49 -17.05 26.63 5.69
CA LYS B 49 -16.47 27.56 6.66
C LYS B 49 -14.95 27.45 6.61
N ARG B 50 -14.42 26.25 6.29
CA ARG B 50 -12.96 25.99 6.28
C ARG B 50 -12.34 26.00 4.89
N ALA B 51 -12.94 26.72 3.93
CA ALA B 51 -12.40 26.82 2.57
C ALA B 51 -10.97 27.40 2.56
N PRO B 52 -10.07 26.88 1.71
CA PRO B 52 -8.69 27.43 1.69
C PRO B 52 -8.62 28.87 1.16
N GLN B 53 -7.78 29.70 1.79
CA GLN B 53 -7.57 31.06 1.32
C GLN B 53 -6.54 30.96 0.19
N PRO B 54 -6.75 31.58 -1.00
CA PRO B 54 -5.73 31.48 -2.07
C PRO B 54 -4.35 32.01 -1.65
N ARG B 55 -3.33 31.28 -2.02
CA ARG B 55 -1.95 31.54 -1.65
C ARG B 55 -1.04 31.78 -2.85
N HIS B 56 0.17 32.30 -2.57
CA HIS B 56 1.26 32.59 -3.54
C HIS B 56 0.79 33.51 -4.67
N LEU B 57 -0.12 34.42 -4.34
CA LEU B 57 -0.64 35.34 -5.33
C LEU B 57 0.48 36.33 -5.69
N SER B 58 0.53 36.67 -6.97
CA SER B 58 1.51 37.60 -7.50
C SER B 58 1.10 39.06 -7.17
N LYS B 59 2.07 39.97 -7.29
CA LYS B 59 1.91 41.40 -7.02
C LYS B 59 1.25 42.00 -8.23
N THR B 60 1.72 41.60 -9.43
CA THR B 60 1.22 42.10 -10.72
C THR B 60 0.61 40.99 -11.60
N ASP B 61 -0.30 41.38 -12.52
CA ASP B 61 -0.95 40.50 -13.48
C ASP B 61 0.15 40.12 -14.45
N PRO B 62 0.55 38.83 -14.46
CA PRO B 62 1.68 38.43 -15.33
C PRO B 62 1.38 38.50 -16.82
N PHE B 63 0.10 38.42 -17.17
CA PHE B 63 -0.40 38.43 -18.53
C PHE B 63 -0.84 39.79 -19.04
N ALA B 64 -0.74 40.86 -18.20
CA ALA B 64 -1.22 42.23 -18.52
C ALA B 64 -0.79 42.78 -19.90
N HIS B 65 0.49 42.59 -20.27
CA HIS B 65 1.05 43.10 -21.52
C HIS B 65 0.68 42.28 -22.77
N MET B 66 0.11 41.06 -22.57
CA MET B 66 -0.27 40.18 -23.68
C MET B 66 -1.61 40.55 -24.29
N LYS B 67 -1.61 41.02 -25.53
CA LYS B 67 -2.87 41.34 -26.17
C LYS B 67 -3.32 40.16 -27.05
N SER B 68 -4.57 40.22 -27.57
CA SER B 68 -5.16 39.19 -28.43
C SER B 68 -4.24 38.92 -29.62
N LYS B 69 -4.07 37.63 -30.00
CA LYS B 69 -3.23 37.27 -31.14
C LYS B 69 -4.03 37.10 -32.45
N ALA B 70 -5.32 37.48 -32.46
CA ALA B 70 -6.23 37.33 -33.58
C ALA B 70 -5.76 38.02 -34.86
N ILE B 71 -6.16 37.44 -36.01
CA ILE B 71 -5.89 37.91 -37.38
C ILE B 71 -7.20 37.70 -38.17
N ASP B 72 -7.56 38.64 -39.06
CA ASP B 72 -8.79 38.55 -39.85
C ASP B 72 -8.57 37.74 -41.13
N PRO B 82 2.65 29.92 -39.78
CA PRO B 82 2.01 28.83 -39.02
C PRO B 82 0.81 29.30 -38.20
N THR B 83 -0.41 29.31 -38.78
CA THR B 83 -1.61 29.76 -38.06
C THR B 83 -2.72 28.70 -37.92
N MET B 84 -3.59 28.85 -36.91
CA MET B 84 -4.74 27.97 -36.68
C MET B 84 -6.02 28.77 -36.46
N ASP B 85 -7.17 28.20 -36.89
CA ASP B 85 -8.48 28.85 -36.80
C ASP B 85 -9.26 28.52 -35.53
N VAL B 86 -10.11 29.48 -35.10
CA VAL B 86 -11.01 29.41 -33.94
C VAL B 86 -12.27 30.16 -34.34
N LYS B 87 -13.43 29.53 -34.21
CA LYS B 87 -14.70 30.21 -34.51
C LYS B 87 -15.43 30.40 -33.17
N PHE B 88 -15.88 31.64 -32.85
CA PHE B 88 -16.60 31.92 -31.61
C PHE B 88 -18.08 32.24 -31.83
N LYS B 89 -18.95 31.78 -30.93
CA LYS B 89 -20.39 32.04 -30.95
C LYS B 89 -20.73 32.71 -29.62
N GLN B 90 -21.68 33.66 -29.62
CA GLN B 90 -22.12 34.32 -28.38
C GLN B 90 -23.56 33.89 -28.05
N HIS B 91 -23.84 33.70 -26.74
CA HIS B 91 -25.13 33.20 -26.28
C HIS B 91 -25.75 34.16 -25.28
N SER B 92 -27.09 34.00 -25.07
CA SER B 92 -27.96 34.79 -24.19
C SER B 92 -29.34 34.09 -24.03
N GLY B 93 -30.01 34.38 -22.92
CA GLY B 93 -31.32 33.81 -22.60
C GLY B 93 -31.30 32.76 -21.49
N GLU B 94 -32.51 32.25 -21.14
CA GLU B 94 -32.75 31.22 -20.13
C GLU B 94 -32.38 29.86 -20.74
N TYR B 95 -32.81 29.63 -21.99
CA TYR B 95 -32.57 28.42 -22.77
C TYR B 95 -31.64 28.77 -23.93
N GLY B 96 -30.53 28.03 -24.08
CA GLY B 96 -29.55 28.22 -25.15
C GLY B 96 -28.65 29.42 -24.96
N LYS B 97 -28.42 30.29 -26.00
CA LYS B 97 -29.03 30.30 -27.35
C LYS B 97 -28.16 31.18 -28.26
N SER B 98 -27.69 30.64 -29.39
CA SER B 98 -26.81 31.38 -30.30
C SER B 98 -27.42 32.69 -30.79
N ARG B 99 -26.68 33.79 -30.58
CA ARG B 99 -27.06 35.14 -30.98
C ARG B 99 -26.90 35.33 -32.50
N ASN B 100 -25.66 35.19 -33.02
CA ASN B 100 -25.30 35.31 -34.43
C ASN B 100 -25.17 33.90 -35.02
N SER B 101 -24.25 33.71 -35.97
CA SER B 101 -23.94 32.47 -36.68
C SER B 101 -22.57 31.99 -36.21
N GLY B 102 -21.78 32.92 -35.66
CA GLY B 102 -20.41 32.70 -35.21
C GLY B 102 -19.41 33.64 -35.87
N ARG B 103 -18.13 33.58 -35.44
CA ARG B 103 -17.07 34.42 -36.01
C ARG B 103 -15.72 33.70 -36.00
N ARG B 104 -15.20 33.36 -37.19
CA ARG B 104 -13.93 32.66 -37.42
C ARG B 104 -12.73 33.60 -37.32
N PHE B 105 -11.60 33.13 -36.79
CA PHE B 105 -10.37 33.92 -36.60
C PHE B 105 -9.12 33.08 -36.75
N GLN B 106 -8.06 33.68 -37.29
CA GLN B 106 -6.75 33.09 -37.50
C GLN B 106 -5.87 33.52 -36.33
N TYR B 107 -5.00 32.63 -35.86
CA TYR B 107 -4.11 32.92 -34.74
C TYR B 107 -2.72 32.34 -35.03
N PRO B 108 -1.61 33.14 -34.93
CA PRO B 108 -0.28 32.55 -35.14
C PRO B 108 -0.02 31.47 -34.09
N VAL B 109 0.70 30.40 -34.48
CA VAL B 109 0.98 29.25 -33.62
C VAL B 109 2.44 29.28 -33.19
N VAL B 110 2.72 29.21 -31.88
CA VAL B 110 4.11 29.21 -31.42
C VAL B 110 4.59 27.77 -31.27
N CYS B 111 5.42 27.30 -32.22
CA CYS B 111 5.96 25.93 -32.16
C CYS B 111 7.13 25.82 -31.22
N ILE B 112 6.94 25.01 -30.17
CA ILE B 112 7.96 24.71 -29.16
C ILE B 112 8.22 23.21 -29.26
N LYS B 113 9.52 22.82 -29.45
CA LYS B 113 9.98 21.43 -29.51
C LYS B 113 10.66 21.02 -28.18
N PRO B 114 10.38 19.83 -27.61
CA PRO B 114 11.03 19.45 -26.34
C PRO B 114 12.53 19.20 -26.49
N ASP B 115 13.32 19.60 -25.47
CA ASP B 115 14.79 19.48 -25.44
C ASP B 115 15.30 18.16 -24.85
N ARG B 116 14.41 17.18 -24.63
CA ARG B 116 14.79 15.87 -24.06
C ARG B 116 13.92 14.70 -24.56
N GLU B 117 14.54 13.52 -24.69
CA GLU B 117 13.87 12.27 -25.06
C GLU B 117 13.39 11.61 -23.76
N PRO B 118 12.20 10.95 -23.73
CA PRO B 118 11.82 10.23 -22.51
C PRO B 118 12.78 9.07 -22.20
N VAL B 119 12.87 8.64 -20.93
CA VAL B 119 13.76 7.53 -20.57
C VAL B 119 13.14 6.22 -21.10
N PRO B 120 13.86 5.09 -21.28
CA PRO B 120 13.19 3.86 -21.77
C PRO B 120 11.98 3.41 -20.93
N PRO B 121 10.91 2.83 -21.53
CA PRO B 121 9.68 2.56 -20.77
C PRO B 121 9.74 1.40 -19.80
N TYR B 122 8.86 1.47 -18.80
CA TYR B 122 8.73 0.47 -17.74
C TYR B 122 7.31 0.47 -17.12
N ARG B 123 7.05 -0.53 -16.26
CA ARG B 123 5.82 -0.62 -15.52
C ARG B 123 6.22 -0.95 -14.09
N PHE B 124 5.65 -0.19 -13.14
CA PHE B 124 5.85 -0.25 -11.67
C PHE B 124 7.12 0.44 -11.28
N HIS B 125 7.26 0.71 -9.97
CA HIS B 125 8.49 1.26 -9.41
C HIS B 125 9.38 0.04 -9.10
N HIS B 126 10.57 -0.01 -9.73
CA HIS B 126 11.54 -1.09 -9.52
C HIS B 126 12.35 -0.77 -8.28
N ALA B 127 12.09 -1.53 -7.22
CA ALA B 127 12.73 -1.38 -5.91
C ALA B 127 13.78 -2.45 -5.74
N GLU B 128 14.92 -2.05 -5.15
CA GLU B 128 16.04 -2.92 -4.85
C GLU B 128 15.83 -3.78 -3.59
N ILE B 129 16.15 -5.08 -3.67
CA ILE B 129 16.08 -6.02 -2.54
C ILE B 129 17.43 -6.70 -2.36
N ARG B 130 17.91 -6.76 -1.13
CA ARG B 130 19.18 -7.42 -0.78
C ARG B 130 19.16 -8.94 -1.03
N LYS B 131 18.01 -9.59 -0.89
CA LYS B 131 17.81 -11.03 -1.04
C LYS B 131 16.39 -11.30 -1.51
N ASN B 132 16.17 -12.46 -2.12
CA ASN B 132 14.85 -12.91 -2.59
C ASN B 132 13.85 -12.86 -1.48
N ILE B 133 12.65 -12.36 -1.82
CA ILE B 133 11.51 -12.21 -0.89
C ILE B 133 10.37 -13.15 -1.27
N LEU B 134 9.58 -13.56 -0.28
CA LEU B 134 8.47 -14.49 -0.49
C LEU B 134 7.18 -13.73 -0.87
N ALA B 135 6.58 -14.12 -1.99
CA ALA B 135 5.31 -13.56 -2.46
C ALA B 135 4.16 -14.56 -2.22
N LEU B 136 2.98 -14.03 -1.83
CA LEU B 136 1.73 -14.80 -1.66
C LEU B 136 1.07 -14.96 -3.06
N ASN B 137 0.00 -15.79 -3.15
CA ASN B 137 -0.76 -15.98 -4.38
C ASN B 137 -1.81 -14.86 -4.51
N SER B 138 -2.00 -14.32 -5.73
CA SER B 138 -2.94 -13.23 -6.03
C SER B 138 -4.29 -13.74 -6.51
N ARG B 180 -18.90 -8.18 -12.16
CA ARG B 180 -19.58 -9.26 -11.44
C ARG B 180 -20.80 -8.76 -10.66
N SER B 181 -21.92 -9.51 -10.76
CA SER B 181 -23.22 -9.22 -10.13
C SER B 181 -23.25 -9.42 -8.62
N GLN B 182 -22.57 -10.48 -8.10
CA GLN B 182 -22.57 -10.82 -6.67
C GLN B 182 -21.79 -9.77 -5.84
N LYS B 183 -20.61 -9.33 -6.36
CA LYS B 183 -19.71 -8.33 -5.79
C LYS B 183 -20.49 -7.06 -5.40
N ILE B 184 -21.33 -6.53 -6.31
CA ILE B 184 -22.17 -5.35 -6.16
C ILE B 184 -23.22 -5.52 -5.04
N ALA B 185 -23.94 -6.65 -5.04
CA ALA B 185 -24.96 -6.98 -4.05
C ALA B 185 -24.35 -7.08 -2.64
N LYS B 186 -23.28 -7.89 -2.50
CA LYS B 186 -22.55 -8.08 -1.26
C LYS B 186 -22.06 -6.75 -0.71
N ARG B 187 -21.40 -5.89 -1.55
CA ARG B 187 -20.94 -4.54 -1.19
C ARG B 187 -22.06 -3.64 -0.69
N ALA B 188 -23.21 -3.60 -1.43
CA ALA B 188 -24.42 -2.85 -1.07
C ALA B 188 -24.98 -3.31 0.32
N GLN B 189 -24.87 -4.62 0.59
CA GLN B 189 -25.32 -5.24 1.82
C GLN B 189 -24.35 -4.96 3.00
N ALA B 190 -23.01 -5.08 2.77
CA ALA B 190 -21.92 -4.83 3.73
C ALA B 190 -21.99 -3.38 4.23
N GLU B 191 -22.10 -2.42 3.28
CA GLU B 191 -22.24 -0.99 3.54
C GLU B 191 -23.49 -0.77 4.42
N TYR B 192 -24.62 -1.45 4.11
CA TYR B 192 -25.88 -1.36 4.88
C TYR B 192 -25.76 -1.95 6.27
N ALA B 193 -25.13 -3.15 6.41
CA ALA B 193 -24.85 -3.79 7.72
C ALA B 193 -24.00 -2.82 8.57
N ALA B 194 -22.95 -2.20 7.95
CA ALA B 194 -22.09 -1.21 8.59
C ALA B 194 -22.85 -0.01 9.17
N THR B 195 -23.91 0.47 8.45
CA THR B 195 -24.69 1.63 8.91
C THR B 195 -25.67 1.26 10.03
N LEU B 196 -26.28 0.04 9.96
CA LEU B 196 -27.24 -0.38 10.99
C LEU B 196 -26.63 -0.91 12.28
N ALA B 197 -25.44 -1.56 12.19
CA ALA B 197 -24.73 -2.15 13.34
C ALA B 197 -24.68 -1.22 14.58
N PRO B 198 -24.29 0.08 14.47
CA PRO B 198 -24.31 0.95 15.66
C PRO B 198 -25.69 1.28 16.24
N TYR B 199 -26.80 0.92 15.55
CA TYR B 199 -28.14 1.24 16.06
C TYR B 199 -28.73 0.13 16.87
N LEU B 200 -28.24 -1.11 16.72
CA LEU B 200 -28.81 -2.26 17.42
C LEU B 200 -28.90 -2.09 18.96
N GLU B 201 -27.77 -1.82 19.65
CA GLU B 201 -27.78 -1.67 21.11
C GLU B 201 -28.63 -0.47 21.58
N PRO B 202 -28.48 0.77 21.03
CA PRO B 202 -29.38 1.87 21.46
C PRO B 202 -30.85 1.50 21.34
N TRP B 203 -31.22 0.80 20.21
CA TRP B 203 -32.57 0.33 19.95
C TRP B 203 -32.99 -0.71 20.94
N LEU B 204 -32.08 -1.62 21.31
CA LEU B 204 -32.38 -2.68 22.29
C LEU B 204 -32.70 -2.10 23.70
N ARG B 205 -31.97 -1.03 24.10
CA ARG B 205 -32.22 -0.35 25.38
C ARG B 205 -33.58 0.39 25.32
N LYS B 206 -33.85 1.18 24.22
CA LYS B 206 -35.12 1.92 24.05
C LYS B 206 -36.32 0.96 24.15
N LEU B 207 -36.24 -0.19 23.45
CA LEU B 207 -37.31 -1.20 23.45
C LEU B 207 -37.49 -1.91 24.77
N ASN B 208 -36.37 -2.18 25.47
CA ASN B 208 -36.28 -2.82 26.79
C ASN B 208 -37.15 -4.09 26.92
N ILE B 209 -37.10 -4.95 25.89
CA ILE B 209 -37.81 -6.22 25.88
C ILE B 209 -36.96 -7.20 26.70
N GLU B 210 -37.63 -7.94 27.61
CA GLU B 210 -37.02 -8.93 28.49
C GLU B 210 -36.24 -9.97 27.67
N GLY B 211 -34.95 -10.12 27.99
CA GLY B 211 -34.10 -11.08 27.32
C GLY B 211 -33.67 -10.71 25.91
N CYS B 212 -33.92 -9.45 25.52
CA CYS B 212 -33.49 -8.96 24.21
C CYS B 212 -32.29 -8.09 24.38
N THR B 213 -31.16 -8.75 24.47
CA THR B 213 -29.83 -8.15 24.59
C THR B 213 -29.03 -8.70 23.42
N LYS B 214 -28.00 -7.97 22.97
CA LYS B 214 -27.15 -8.41 21.84
C LYS B 214 -26.58 -9.85 22.10
N SER B 215 -26.04 -10.10 23.30
CA SER B 215 -25.48 -11.39 23.75
C SER B 215 -26.50 -12.52 23.63
N ASN B 216 -27.77 -12.23 23.99
CA ASN B 216 -28.87 -13.20 23.93
C ASN B 216 -29.31 -13.41 22.48
N LEU B 217 -29.14 -12.37 21.62
CA LEU B 217 -29.48 -12.48 20.19
C LEU B 217 -28.44 -13.33 19.47
N ILE B 218 -27.14 -13.17 19.85
CA ILE B 218 -26.02 -13.97 19.36
C ILE B 218 -26.25 -15.40 19.88
N ARG B 219 -26.67 -15.52 21.15
CA ARG B 219 -26.97 -16.80 21.79
C ARG B 219 -28.07 -17.51 21.00
N PHE B 220 -29.15 -16.77 20.66
CA PHE B 220 -30.27 -17.25 19.87
C PHE B 220 -29.82 -17.72 18.48
N MET B 221 -28.96 -16.93 17.83
CA MET B 221 -28.42 -17.22 16.50
C MET B 221 -27.66 -18.55 16.52
N ALA B 222 -26.72 -18.73 17.48
CA ALA B 222 -25.94 -19.96 17.64
C ALA B 222 -26.81 -21.19 18.09
N SER B 223 -28.09 -20.96 18.45
CA SER B 223 -29.00 -22.03 18.87
C SER B 223 -30.21 -22.15 17.93
N SER B 230 -27.20 -20.64 8.33
CA SER B 230 -26.65 -21.61 9.28
C SER B 230 -25.13 -21.83 9.09
N MET B 231 -24.32 -21.34 10.07
CA MET B 231 -22.85 -21.43 10.14
C MET B 231 -22.37 -22.87 10.38
N THR B 232 -21.07 -23.15 10.14
CA THR B 232 -20.49 -24.50 10.33
C THR B 232 -20.77 -25.06 11.74
N PRO B 233 -21.03 -26.38 11.89
CA PRO B 233 -21.32 -26.93 13.23
C PRO B 233 -20.28 -26.60 14.32
N GLN B 234 -18.96 -26.63 13.96
CA GLN B 234 -17.86 -26.31 14.87
C GLN B 234 -17.93 -24.87 15.38
N GLN B 235 -18.06 -23.89 14.46
CA GLN B 235 -18.14 -22.46 14.75
C GLN B 235 -19.31 -22.07 15.65
N LYS B 236 -20.42 -22.83 15.57
CA LYS B 236 -21.62 -22.64 16.42
C LYS B 236 -21.32 -23.07 17.87
N SER B 237 -20.44 -24.09 18.02
CA SER B 237 -19.98 -24.64 19.30
C SER B 237 -18.93 -23.72 19.95
N ASN B 238 -17.98 -23.14 19.18
CA ASN B 238 -16.97 -22.19 19.70
C ASN B 238 -17.67 -20.96 20.32
N LEU B 239 -18.76 -20.54 19.65
CA LEU B 239 -19.60 -19.42 20.03
C LEU B 239 -20.35 -19.80 21.28
N LEU B 240 -21.02 -20.98 21.30
CA LEU B 240 -21.77 -21.49 22.47
C LEU B 240 -20.89 -21.76 23.68
N ASP B 241 -19.60 -22.07 23.44
CA ASP B 241 -18.60 -22.35 24.48
C ASP B 241 -18.47 -21.16 25.43
N THR B 242 -18.12 -19.99 24.88
CA THR B 242 -17.95 -18.76 25.66
C THR B 242 -19.27 -18.03 25.91
N TYR B 243 -20.32 -18.35 25.15
CA TYR B 243 -21.59 -17.64 25.34
C TYR B 243 -22.60 -18.34 26.26
N SER B 244 -22.60 -19.69 26.33
CA SER B 244 -23.55 -20.52 27.11
C SER B 244 -24.88 -20.64 26.40
N ASP B 245 -25.86 -21.21 27.12
CA ASP B 245 -27.23 -21.38 26.66
C ASP B 245 -28.18 -20.59 27.57
N ASP B 246 -27.61 -19.66 28.39
CA ASP B 246 -28.41 -18.85 29.31
C ASP B 246 -29.10 -17.69 28.58
N MET B 247 -30.26 -18.03 27.97
CA MET B 247 -31.13 -17.15 27.20
C MET B 247 -32.24 -16.63 28.10
N ALA B 252 -36.66 -17.07 30.57
CA ALA B 252 -36.86 -17.72 29.28
C ALA B 252 -38.36 -18.15 29.02
N VAL B 253 -39.18 -17.33 28.29
CA VAL B 253 -38.99 -15.97 27.71
C VAL B 253 -37.72 -15.80 26.75
N ARG B 254 -37.82 -16.40 25.53
CA ARG B 254 -36.79 -16.28 24.50
C ARG B 254 -37.32 -15.30 23.44
N ASN B 255 -37.80 -14.08 23.87
CA ASN B 255 -38.31 -12.94 23.06
C ASN B 255 -37.32 -12.61 21.92
N ALA B 256 -36.09 -13.16 22.03
CA ALA B 256 -35.01 -13.06 21.07
C ALA B 256 -35.47 -13.66 19.71
N SER B 257 -36.53 -14.50 19.71
CA SER B 257 -37.12 -15.10 18.51
C SER B 257 -37.96 -14.06 17.80
N MET B 258 -38.94 -13.49 18.56
CA MET B 258 -39.88 -12.47 18.13
C MET B 258 -39.16 -11.24 17.62
N PHE B 259 -38.00 -10.90 18.25
CA PHE B 259 -37.18 -9.79 17.80
C PHE B 259 -36.51 -10.11 16.48
N THR B 260 -35.95 -11.35 16.32
CA THR B 260 -35.26 -11.77 15.08
C THR B 260 -36.22 -11.71 13.90
N GLU B 261 -37.39 -12.35 14.05
CA GLU B 261 -38.47 -12.39 13.05
C GLU B 261 -38.84 -10.94 12.59
N ALA B 262 -39.02 -10.03 13.57
CA ALA B 262 -39.37 -8.63 13.36
C ALA B 262 -38.22 -7.86 12.69
N TRP B 263 -36.94 -8.15 13.07
CA TRP B 263 -35.79 -7.50 12.45
C TRP B 263 -35.71 -7.91 10.96
N ASP B 264 -36.00 -9.20 10.66
CA ASP B 264 -35.88 -9.65 9.27
C ASP B 264 -37.04 -9.16 8.40
N ARG B 265 -38.23 -8.98 8.97
CA ARG B 265 -39.39 -8.45 8.25
C ARG B 265 -39.11 -6.98 7.84
N VAL B 266 -38.55 -6.21 8.76
CA VAL B 266 -38.25 -4.79 8.55
C VAL B 266 -37.01 -4.59 7.68
N PHE B 267 -35.85 -5.15 8.09
CA PHE B 267 -34.57 -4.92 7.45
C PHE B 267 -34.15 -5.98 6.41
N ASN B 268 -34.82 -7.14 6.36
CA ASN B 268 -34.45 -8.17 5.38
C ASN B 268 -35.59 -8.45 4.38
N ASP B 269 -36.24 -7.38 3.87
CA ASP B 269 -37.28 -7.45 2.85
C ASP B 269 -36.55 -7.67 1.52
N GLN B 270 -36.98 -8.72 0.77
CA GLN B 270 -36.40 -9.10 -0.53
C GLN B 270 -37.01 -8.25 -1.68
N SER B 271 -36.14 -7.70 -2.55
CA SER B 271 -36.47 -6.85 -3.72
C SER B 271 -35.20 -6.54 -4.52
N LEU B 273 -30.28 -5.17 -1.48
CA LEU B 273 -31.22 -4.39 -2.30
C LEU B 273 -31.58 -2.97 -1.76
N ARG B 274 -30.98 -2.44 -0.65
CA ARG B 274 -29.97 -2.96 0.29
C ARG B 274 -30.71 -3.61 1.51
N ARG B 275 -30.27 -4.80 1.95
CA ARG B 275 -30.92 -5.55 3.04
C ARG B 275 -29.95 -6.29 3.98
N VAL B 276 -30.40 -6.54 5.23
CA VAL B 276 -29.65 -7.29 6.24
C VAL B 276 -30.53 -8.09 7.16
N ALA B 277 -30.09 -9.32 7.39
CA ALA B 277 -30.66 -10.22 8.37
C ALA B 277 -29.89 -9.87 9.66
N LEU B 278 -30.53 -10.08 10.84
CA LEU B 278 -29.91 -9.84 12.14
C LEU B 278 -28.60 -10.62 12.30
N ARG B 279 -28.54 -11.84 11.77
CA ARG B 279 -27.33 -12.64 11.78
C ARG B 279 -26.14 -11.94 11.12
N ASP B 280 -26.34 -11.16 10.03
CA ASP B 280 -25.21 -10.52 9.32
C ASP B 280 -24.54 -9.46 10.15
N ILE B 281 -25.36 -8.72 10.96
CA ILE B 281 -24.93 -7.66 11.89
C ILE B 281 -24.22 -8.32 13.06
N LEU B 282 -24.87 -9.33 13.70
CA LEU B 282 -24.35 -10.15 14.79
C LEU B 282 -22.96 -10.79 14.41
N MET B 283 -22.83 -11.43 13.21
CA MET B 283 -21.59 -12.07 12.72
C MET B 283 -20.40 -11.13 12.65
N LEU B 284 -20.65 -9.82 12.46
CA LEU B 284 -19.59 -8.81 12.37
C LEU B 284 -19.34 -8.13 13.71
N ASP B 285 -20.03 -8.55 14.79
CA ASP B 285 -19.82 -7.99 16.12
C ASP B 285 -18.45 -8.41 16.67
N LYS B 286 -17.71 -7.46 17.30
CA LYS B 286 -16.37 -7.66 17.85
C LYS B 286 -16.25 -8.88 18.80
N ASN B 287 -17.35 -9.31 19.42
CA ASN B 287 -17.34 -10.49 20.30
C ASN B 287 -17.84 -11.78 19.59
N VAL B 288 -17.98 -11.76 18.25
CA VAL B 288 -18.42 -12.92 17.46
C VAL B 288 -17.36 -13.25 16.43
N GLU B 289 -17.13 -12.32 15.47
CA GLU B 289 -16.18 -12.42 14.37
C GLU B 289 -14.85 -13.11 14.79
N PRO B 290 -14.13 -12.75 15.88
CA PRO B 290 -12.87 -13.44 16.17
C PRO B 290 -13.00 -14.85 16.75
N ILE B 291 -14.19 -15.19 17.28
CA ILE B 291 -14.49 -16.50 17.88
C ILE B 291 -15.10 -17.45 16.76
N PHE B 292 -14.23 -17.79 15.78
CA PHE B 292 -14.55 -18.69 14.67
C PHE B 292 -13.68 -19.96 14.70
N GLU B 309 7.44 -36.24 30.60
CA GLU B 309 6.06 -36.40 30.18
C GLU B 309 5.27 -35.14 30.51
N ALA B 310 4.81 -35.00 31.76
CA ALA B 310 4.02 -33.87 32.26
C ALA B 310 4.77 -32.54 32.22
N LEU B 311 6.05 -32.48 32.68
CA LEU B 311 6.90 -31.29 32.64
C LEU B 311 7.14 -30.92 31.19
N MET B 312 7.41 -31.91 30.33
CA MET B 312 7.69 -31.67 28.93
C MET B 312 6.48 -31.24 28.14
N GLN B 313 5.29 -31.77 28.49
CA GLN B 313 4.09 -31.37 27.78
C GLN B 313 3.86 -29.87 28.03
N LYS B 314 4.13 -29.42 29.28
CA LYS B 314 4.05 -28.02 29.62
C LYS B 314 5.04 -27.22 28.75
N VAL B 315 6.35 -27.60 28.77
CA VAL B 315 7.43 -26.93 28.05
C VAL B 315 7.16 -26.90 26.51
N ILE B 316 6.64 -27.98 25.91
CA ILE B 316 6.29 -28.03 24.48
C ILE B 316 5.26 -26.94 24.15
N ASP B 317 4.15 -26.90 24.88
CA ASP B 317 3.08 -25.92 24.71
C ASP B 317 3.57 -24.50 24.90
N ALA B 318 4.37 -24.28 25.96
CA ALA B 318 5.00 -23.00 26.31
C ALA B 318 5.82 -22.41 25.12
N LEU B 319 6.73 -23.24 24.51
CA LEU B 319 7.60 -22.88 23.37
C LEU B 319 6.95 -23.04 22.01
N GLY B 320 5.66 -23.39 21.99
CA GLY B 320 4.86 -23.57 20.78
C GLY B 320 5.03 -22.55 19.66
N SER B 321 4.96 -21.21 19.93
CA SER B 321 5.06 -20.18 18.86
C SER B 321 6.43 -20.06 18.21
N TYR B 322 7.46 -20.33 19.00
CA TYR B 322 8.86 -20.29 18.60
C TYR B 322 9.22 -21.50 17.77
N THR B 323 8.69 -22.66 18.12
CA THR B 323 8.99 -23.86 17.35
C THR B 323 8.20 -23.89 16.07
N THR B 324 7.02 -23.27 16.06
CA THR B 324 6.16 -23.25 14.90
C THR B 324 6.58 -22.17 13.90
N LEU B 325 6.91 -20.95 14.35
CA LEU B 325 7.25 -19.89 13.40
C LEU B 325 8.71 -19.54 13.27
N GLY B 326 9.50 -19.71 14.33
CA GLY B 326 10.92 -19.35 14.33
C GLY B 326 11.70 -20.10 13.27
N CYS B 327 12.38 -19.36 12.34
CA CYS B 327 13.08 -19.92 11.18
C CYS B 327 14.39 -20.61 11.53
N LEU B 328 14.61 -21.80 10.98
CA LEU B 328 15.87 -22.51 11.18
C LEU B 328 17.02 -21.81 10.44
N ILE B 329 16.75 -21.13 9.32
CA ILE B 329 17.80 -20.46 8.52
C ILE B 329 18.16 -19.07 9.10
N CYS B 330 17.22 -18.13 9.05
CA CYS B 330 17.43 -16.72 9.37
C CYS B 330 17.02 -16.33 10.76
N PHE B 331 16.39 -17.26 11.52
CA PHE B 331 16.00 -17.04 12.93
C PHE B 331 14.84 -16.06 13.16
N SER B 332 14.18 -15.62 12.07
CA SER B 332 13.05 -14.70 12.16
C SER B 332 11.74 -15.47 12.15
N HIS B 333 10.67 -14.85 12.68
CA HIS B 333 9.34 -15.45 12.86
C HIS B 333 8.36 -15.11 11.71
N ASP B 334 8.72 -14.15 10.89
CA ASP B 334 7.99 -13.83 9.67
C ASP B 334 9.09 -13.46 8.72
N CYS B 335 9.40 -14.34 7.76
CA CYS B 335 10.52 -14.15 6.87
C CYS B 335 10.23 -14.61 5.46
N GLU B 336 11.28 -14.68 4.60
CA GLU B 336 11.14 -15.12 3.20
C GLU B 336 11.41 -16.60 2.98
N HIS B 337 11.45 -17.40 4.07
CA HIS B 337 11.61 -18.86 4.00
C HIS B 337 10.27 -19.52 4.33
N GLY B 338 10.07 -20.70 3.76
CA GLY B 338 8.82 -21.45 3.93
C GLY B 338 8.06 -21.63 2.64
N GLU B 339 7.00 -22.44 2.68
CA GLU B 339 6.13 -22.70 1.54
C GLU B 339 4.80 -21.97 1.73
N ILE B 340 4.24 -21.44 0.64
CA ILE B 340 2.94 -20.80 0.62
C ILE B 340 2.00 -21.81 -0.01
N GLU B 341 0.94 -22.25 0.71
CA GLU B 341 -0.01 -23.25 0.20
C GLU B 341 -0.92 -22.61 -0.90
N ARG B 342 -1.81 -23.40 -1.58
CA ARG B 342 -2.71 -22.88 -2.62
C ARG B 342 -3.54 -21.69 -2.07
N ASP B 343 -4.06 -21.82 -0.83
CA ASP B 343 -4.67 -20.71 -0.07
C ASP B 343 -3.43 -20.03 0.55
N ASN B 344 -3.48 -18.74 0.91
CA ASN B 344 -2.22 -18.10 1.37
C ASN B 344 -1.77 -18.44 2.85
N GLN B 345 -1.94 -19.73 3.24
CA GLN B 345 -1.47 -20.32 4.50
C GLN B 345 0.00 -20.72 4.29
N LYS B 346 0.81 -20.52 5.33
CA LYS B 346 2.24 -20.74 5.23
C LYS B 346 2.77 -21.81 6.18
N ARG B 347 3.54 -22.75 5.60
CA ARG B 347 4.27 -23.79 6.32
C ARG B 347 5.69 -23.19 6.45
N CYS B 348 6.02 -22.70 7.66
CA CYS B 348 7.32 -22.07 8.00
C CYS B 348 8.40 -23.17 8.00
N PHE B 349 9.66 -22.75 7.79
CA PHE B 349 10.82 -23.65 7.81
C PHE B 349 11.37 -23.54 9.23
N SER B 350 10.64 -24.20 10.13
CA SER B 350 10.85 -24.17 11.57
C SER B 350 11.13 -25.55 12.17
N LEU B 351 11.26 -25.56 13.51
CA LEU B 351 11.48 -26.78 14.31
C LEU B 351 10.34 -27.77 14.13
N GLU B 352 9.10 -27.31 13.87
CA GLU B 352 7.94 -28.17 13.61
C GLU B 352 7.98 -28.82 12.22
N GLU B 353 9.05 -28.55 11.47
CA GLU B 353 9.33 -29.12 10.15
C GLU B 353 10.23 -30.37 10.34
N ILE B 354 11.02 -30.30 11.41
CA ILE B 354 12.04 -31.21 11.92
C ILE B 354 11.48 -31.96 13.18
N GLY B 355 10.17 -32.19 13.10
CA GLY B 355 9.35 -32.91 14.06
C GLY B 355 9.16 -32.25 15.42
N GLY B 356 9.16 -30.93 15.45
CA GLY B 356 9.01 -30.19 16.69
C GLY B 356 10.23 -30.19 17.59
N LEU B 357 10.03 -29.75 18.84
CA LEU B 357 11.01 -29.61 19.90
C LEU B 357 11.72 -30.87 20.34
N MET B 358 10.96 -31.86 20.76
CA MET B 358 11.47 -33.07 21.40
C MET B 358 12.58 -33.80 20.66
N PRO B 359 12.51 -34.13 19.34
CA PRO B 359 13.63 -34.88 18.73
C PRO B 359 14.96 -34.14 18.89
N SER B 360 14.94 -32.85 18.60
CA SER B 360 16.11 -32.00 18.67
C SER B 360 16.61 -31.86 20.11
N LEU B 361 15.66 -31.75 21.07
CA LEU B 361 15.96 -31.64 22.49
C LEU B 361 16.64 -32.88 23.04
N ARG B 362 16.03 -34.09 22.78
CA ARG B 362 16.53 -35.43 23.21
C ARG B 362 18.00 -35.61 22.80
N ARG B 363 18.30 -35.27 21.50
CA ARG B 363 19.61 -35.29 20.86
C ARG B 363 20.64 -34.41 21.55
N LYS B 364 20.23 -33.19 22.00
CA LYS B 364 21.13 -32.30 22.75
C LYS B 364 21.46 -32.95 24.10
N TRP B 365 20.42 -33.49 24.81
CA TRP B 365 20.57 -34.13 26.11
C TRP B 365 21.53 -35.29 26.04
N ALA B 366 21.40 -36.12 24.96
CA ALA B 366 22.26 -37.29 24.66
C ALA B 366 23.70 -36.83 24.44
N ALA B 367 23.88 -35.73 23.64
CA ALA B 367 25.18 -35.12 23.32
C ALA B 367 25.86 -34.61 24.60
N GLN B 368 25.07 -33.95 25.49
CA GLN B 368 25.52 -33.44 26.78
C GLN B 368 26.11 -34.57 27.66
N ILE B 369 25.38 -35.72 27.80
CA ILE B 369 25.81 -36.91 28.57
C ILE B 369 27.17 -37.41 28.02
N GLU B 370 27.23 -37.65 26.69
CA GLU B 370 28.45 -38.07 25.98
C GLU B 370 29.64 -37.10 26.21
N GLN B 371 29.35 -35.80 26.47
CA GLN B 371 30.38 -34.78 26.77
C GLN B 371 31.04 -35.00 28.16
N ARG B 372 30.39 -35.83 29.04
CA ARG B 372 30.81 -36.30 30.38
C ARG B 372 31.60 -35.25 31.20
N PRO B 387 32.34 -18.88 38.11
CA PRO B 387 31.77 -17.59 37.70
C PRO B 387 30.32 -17.39 38.21
N PRO B 388 30.15 -16.97 39.50
CA PRO B 388 28.78 -16.79 40.03
C PRO B 388 28.09 -15.57 39.45
N CYS B 389 26.75 -15.54 39.51
CA CYS B 389 25.99 -14.39 39.00
C CYS B 389 26.03 -13.22 39.99
N ARG B 390 25.83 -11.98 39.49
CA ARG B 390 25.88 -10.77 40.30
C ARG B 390 24.44 -10.30 40.66
N ASN B 391 23.71 -11.19 41.35
CA ASN B 391 22.33 -11.04 41.82
C ASN B 391 22.09 -12.08 42.92
N GLU B 392 22.86 -11.99 44.04
CA GLU B 392 22.76 -12.90 45.19
C GLU B 392 22.76 -14.37 44.70
N CYS B 393 23.88 -14.76 44.03
CA CYS B 393 24.05 -16.09 43.43
C CYS B 393 23.74 -17.22 44.38
N TYR B 394 23.18 -18.32 43.85
CA TYR B 394 22.87 -19.49 44.68
C TYR B 394 24.18 -20.19 45.07
N ARG B 395 25.24 -20.01 44.26
CA ARG B 395 26.57 -20.59 44.47
C ARG B 395 27.27 -20.02 45.72
N ILE B 396 26.77 -18.88 46.26
CA ILE B 396 27.32 -18.24 47.47
C ILE B 396 26.28 -18.14 48.61
N HIS B 397 24.99 -17.96 48.25
CA HIS B 397 23.89 -17.81 49.20
C HIS B 397 22.98 -19.04 49.37
N GLY B 398 23.41 -20.18 48.83
CA GLY B 398 22.65 -21.43 48.89
C GLY B 398 21.22 -21.30 48.38
N THR B 399 20.26 -21.42 49.29
CA THR B 399 18.82 -21.38 49.01
C THR B 399 18.08 -20.20 49.70
N GLY B 400 18.81 -19.40 50.48
CA GLY B 400 18.26 -18.26 51.22
C GLY B 400 19.09 -17.86 52.41
N ASN B 403 17.97 -16.98 55.56
CA ASN B 403 16.65 -17.58 55.39
C ASN B 403 15.51 -16.55 55.66
N GLN B 404 14.94 -15.99 54.56
CA GLN B 404 13.83 -15.02 54.60
C GLN B 404 12.59 -15.50 53.79
N GLN B 405 11.54 -14.65 53.67
CA GLN B 405 10.35 -15.01 52.91
C GLN B 405 10.21 -14.22 51.63
N VAL B 406 9.86 -14.93 50.57
CA VAL B 406 9.77 -14.46 49.19
C VAL B 406 8.33 -14.19 48.74
N PRO B 407 8.10 -13.32 47.71
CA PRO B 407 6.72 -13.12 47.20
C PRO B 407 6.23 -14.41 46.51
N PRO B 408 4.90 -14.71 46.52
CA PRO B 408 4.44 -15.96 45.91
C PRO B 408 4.57 -15.95 44.40
N TRP B 409 5.26 -16.96 43.85
CA TRP B 409 5.49 -17.17 42.42
C TRP B 409 4.19 -17.35 41.67
N SER B 410 4.17 -16.91 40.44
CA SER B 410 3.05 -17.03 39.52
C SER B 410 3.24 -18.26 38.58
N GLU B 411 2.19 -18.57 37.80
CA GLU B 411 2.16 -19.68 36.86
C GLU B 411 3.27 -19.49 35.84
N ASN B 412 3.27 -18.31 35.21
CA ASN B 412 4.25 -17.88 34.20
C ASN B 412 5.66 -17.86 34.78
N GLU B 413 5.80 -17.51 36.08
CA GLU B 413 7.10 -17.51 36.75
C GLU B 413 7.68 -18.92 36.89
N VAL B 414 6.82 -19.93 37.23
CA VAL B 414 7.22 -21.34 37.40
C VAL B 414 7.45 -21.93 36.03
N GLY B 415 6.62 -21.52 35.06
CA GLY B 415 6.78 -21.90 33.65
C GLY B 415 8.17 -21.54 33.14
N THR B 416 8.62 -20.28 33.38
CA THR B 416 9.96 -19.77 33.00
C THR B 416 11.05 -20.68 33.55
N LEU B 417 10.94 -21.04 34.85
CA LEU B 417 11.87 -21.94 35.54
C LEU B 417 11.79 -23.32 34.90
N GLU B 418 10.59 -23.75 34.45
CA GLU B 418 10.39 -25.05 33.81
C GLU B 418 11.05 -25.14 32.43
N TRP B 419 10.74 -24.20 31.49
CA TRP B 419 11.33 -24.29 30.16
C TRP B 419 12.81 -23.95 30.17
N MET B 420 13.28 -23.13 31.11
CA MET B 420 14.72 -22.91 31.18
C MET B 420 15.41 -24.16 31.72
N PHE B 421 14.84 -24.83 32.72
CA PHE B 421 15.41 -26.04 33.30
C PHE B 421 15.56 -27.13 32.24
N ALA B 422 14.47 -27.39 31.48
CA ALA B 422 14.45 -28.40 30.42
C ALA B 422 15.48 -28.13 29.31
N THR B 423 15.43 -26.93 28.70
CA THR B 423 16.27 -26.57 27.55
C THR B 423 17.76 -26.37 27.92
N ILE B 424 18.10 -25.96 29.16
CA ILE B 424 19.51 -25.89 29.58
C ILE B 424 20.02 -27.35 29.78
N GLY B 425 19.10 -28.26 30.08
CA GLY B 425 19.35 -29.68 30.23
C GLY B 425 20.49 -30.07 31.14
N TYR B 426 21.15 -31.21 30.82
CA TYR B 426 22.28 -31.79 31.55
C TYR B 426 23.56 -30.99 31.30
N SER B 427 23.53 -29.70 31.63
CA SER B 427 24.64 -28.75 31.42
C SER B 427 25.76 -28.86 32.50
N GLN B 428 26.95 -28.31 32.16
CA GLN B 428 28.17 -28.27 32.99
C GLN B 428 28.45 -26.84 33.52
N LEU B 430 26.55 -23.92 32.80
CA LEU B 430 25.39 -23.03 32.80
C LEU B 430 24.21 -23.65 33.55
N ARG B 431 23.68 -22.90 34.53
CA ARG B 431 22.60 -23.34 35.42
C ARG B 431 21.40 -22.38 35.30
N PRO B 432 20.14 -22.92 35.31
CA PRO B 432 18.95 -22.06 35.16
C PRO B 432 18.73 -21.01 36.25
N GLU B 433 19.16 -21.29 37.48
CA GLU B 433 19.03 -20.39 38.65
C GLU B 433 19.39 -18.93 38.29
N CYS B 434 20.63 -18.72 37.76
CA CYS B 434 21.13 -17.40 37.35
C CYS B 434 20.26 -16.72 36.29
N PHE B 435 20.08 -17.39 35.11
CA PHE B 435 19.33 -16.86 33.98
C PHE B 435 17.88 -16.48 34.31
N VAL B 436 17.12 -17.43 34.91
CA VAL B 436 15.71 -17.24 35.30
C VAL B 436 15.65 -16.06 36.27
N GLY B 437 16.62 -16.02 37.18
CA GLY B 437 16.81 -14.97 38.18
C GLY B 437 16.86 -13.61 37.52
N ALA B 438 17.76 -13.46 36.53
CA ALA B 438 17.94 -12.24 35.72
C ALA B 438 16.72 -11.96 34.82
N ILE B 439 15.94 -12.99 34.43
CA ILE B 439 14.75 -12.80 33.61
C ILE B 439 13.60 -12.23 34.44
N LEU B 440 13.30 -12.88 35.60
CA LEU B 440 12.18 -12.50 36.47
C LEU B 440 12.44 -11.30 37.40
N GLY B 441 13.69 -11.12 37.83
CA GLY B 441 14.08 -10.06 38.76
C GLY B 441 14.07 -10.51 40.21
N ARG B 442 13.97 -11.81 40.42
CA ARG B 442 13.98 -12.42 41.72
C ARG B 442 15.41 -12.80 41.99
N PRO B 443 15.88 -12.81 43.26
CA PRO B 443 17.29 -13.21 43.52
C PRO B 443 17.58 -14.61 43.06
N CYS B 444 18.87 -14.92 42.89
CA CYS B 444 19.30 -16.23 42.42
C CYS B 444 18.97 -17.35 43.38
N TRP B 445 19.21 -17.16 44.70
CA TRP B 445 18.87 -18.14 45.74
C TRP B 445 17.35 -18.41 45.78
N ASP B 446 16.52 -17.39 45.47
CA ASP B 446 15.06 -17.47 45.45
C ASP B 446 14.61 -18.55 44.50
N VAL B 447 15.05 -18.48 43.22
CA VAL B 447 14.69 -19.45 42.20
C VAL B 447 15.33 -20.84 42.50
N HIS B 448 16.50 -20.87 43.16
CA HIS B 448 17.16 -22.12 43.55
C HIS B 448 16.29 -22.89 44.55
N ARG B 449 15.66 -22.16 45.47
CA ARG B 449 14.73 -22.68 46.47
C ARG B 449 13.46 -23.16 45.76
N LYS B 450 12.92 -22.35 44.81
CA LYS B 450 11.73 -22.74 44.07
C LYS B 450 11.96 -24.04 43.32
N LEU B 451 13.14 -24.14 42.65
CA LEU B 451 13.59 -25.31 41.91
C LEU B 451 13.71 -26.53 42.85
N GLN B 452 14.20 -26.32 44.11
CA GLN B 452 14.33 -27.39 45.11
C GLN B 452 12.93 -27.90 45.47
N GLU B 453 11.97 -26.97 45.62
CA GLU B 453 10.58 -27.27 45.97
C GLU B 453 9.85 -28.02 44.88
N LEU B 454 9.95 -27.50 43.63
CA LEU B 454 9.34 -28.08 42.44
C LEU B 454 9.83 -29.50 42.19
N ASP B 455 11.04 -29.84 42.68
CA ASP B 455 11.67 -31.15 42.54
C ASP B 455 11.69 -31.59 41.05
N LEU B 456 12.04 -30.62 40.16
CA LEU B 456 12.09 -30.83 38.72
C LEU B 456 13.13 -31.88 38.31
N ARG B 457 12.74 -32.80 37.40
CA ARG B 457 13.58 -33.89 36.88
C ARG B 457 13.59 -34.00 35.35
N LEU B 458 14.81 -34.09 34.78
CA LEU B 458 15.03 -34.20 33.33
C LEU B 458 14.85 -35.66 32.87
N PRO B 459 14.24 -35.89 31.67
CA PRO B 459 14.07 -37.25 31.16
C PRO B 459 15.34 -38.08 31.02
N ILE B 466 25.44 -45.95 18.67
CA ILE B 466 25.67 -45.52 17.28
C ILE B 466 25.69 -46.75 16.34
N PRO B 467 24.56 -47.07 15.63
CA PRO B 467 24.55 -48.25 14.73
C PRO B 467 25.53 -48.08 13.58
N LYS B 468 26.48 -49.04 13.46
CA LYS B 468 27.56 -48.98 12.47
C LYS B 468 27.07 -49.15 11.03
N GLN B 469 27.02 -48.02 10.30
CA GLN B 469 26.56 -47.86 8.92
C GLN B 469 27.70 -48.02 7.89
N LYS B 470 27.42 -48.71 6.78
CA LYS B 470 28.39 -48.90 5.71
C LYS B 470 28.59 -47.60 4.91
N SER B 471 29.86 -47.13 4.81
CA SER B 471 30.29 -45.92 4.07
C SER B 471 30.00 -46.04 2.55
N LEU B 472 29.72 -44.89 1.91
CA LEU B 472 29.36 -44.84 0.50
C LEU B 472 30.54 -44.91 -0.43
N PRO B 473 30.45 -45.71 -1.52
CA PRO B 473 31.55 -45.79 -2.48
C PRO B 473 31.70 -44.54 -3.37
N TRP B 474 30.70 -43.63 -3.38
CA TRP B 474 30.71 -42.42 -4.19
C TRP B 474 31.04 -41.16 -3.39
N TYR B 475 31.06 -41.25 -2.05
CA TYR B 475 31.34 -40.11 -1.18
C TYR B 475 31.99 -40.50 0.14
N ASP B 476 33.09 -39.81 0.46
CA ASP B 476 33.84 -39.94 1.70
C ASP B 476 33.71 -38.62 2.52
N ARG B 477 33.06 -38.70 3.68
CA ARG B 477 32.84 -37.54 4.58
C ARG B 477 34.01 -37.28 5.54
N ARG B 478 34.93 -38.27 5.66
CA ARG B 478 36.09 -38.15 6.53
C ARG B 478 37.17 -37.37 5.80
N LYS B 479 37.52 -37.82 4.58
CA LYS B 479 38.50 -37.16 3.70
C LYS B 479 37.88 -35.91 3.01
N LYS B 480 36.55 -35.71 3.18
CA LYS B 480 35.70 -34.63 2.65
C LYS B 480 35.77 -34.53 1.11
N GLN B 481 35.61 -35.70 0.44
CA GLN B 481 35.70 -35.79 -1.03
C GLN B 481 34.78 -36.81 -1.70
N LEU B 482 34.44 -36.51 -2.95
CA LEU B 482 33.64 -37.32 -3.84
C LEU B 482 34.55 -38.24 -4.66
N MET B 483 34.05 -39.41 -5.03
CA MET B 483 34.80 -40.36 -5.84
C MET B 483 33.92 -41.26 -6.70
N SER B 484 34.57 -41.94 -7.67
CA SER B 484 34.08 -42.95 -8.59
C SER B 484 32.62 -42.77 -9.08
N ASP B 485 32.43 -41.86 -10.06
CA ASP B 485 31.17 -41.59 -10.74
C ASP B 485 30.02 -41.25 -9.77
N TRP B 486 30.32 -40.33 -8.86
CA TRP B 486 29.42 -39.81 -7.86
C TRP B 486 28.24 -39.05 -8.50
N ALA B 487 28.46 -38.41 -9.69
CA ALA B 487 27.46 -37.61 -10.40
C ALA B 487 26.31 -38.43 -11.00
N ASP B 488 26.40 -39.75 -10.96
CA ASP B 488 25.36 -40.67 -11.42
C ASP B 488 24.73 -41.36 -10.20
N ALA B 489 25.35 -41.19 -9.02
CA ALA B 489 24.89 -41.78 -7.76
C ALA B 489 24.08 -40.80 -6.90
N THR B 490 24.04 -39.51 -7.27
CA THR B 490 23.36 -38.45 -6.52
C THR B 490 22.81 -37.33 -7.39
N ILE B 491 21.90 -36.53 -6.80
CA ILE B 491 21.30 -35.34 -7.43
C ILE B 491 21.55 -34.09 -6.56
N THR B 492 22.44 -34.23 -5.53
CA THR B 492 22.82 -33.15 -4.58
C THR B 492 23.25 -31.85 -5.31
N HIS B 493 23.98 -32.00 -6.42
CA HIS B 493 24.54 -30.96 -7.26
C HIS B 493 23.59 -30.56 -8.36
N GLU B 494 22.60 -31.46 -8.69
CA GLU B 494 21.61 -31.25 -9.76
C GLU B 494 20.31 -30.62 -9.24
N HIS B 495 20.38 -29.30 -8.94
CA HIS B 495 19.34 -28.48 -8.37
C HIS B 495 18.06 -28.44 -9.19
N ALA B 496 18.19 -28.41 -10.50
CA ALA B 496 17.10 -28.40 -11.47
C ALA B 496 16.15 -29.58 -11.35
N VAL B 497 16.62 -30.73 -10.81
CA VAL B 497 15.81 -31.95 -10.71
C VAL B 497 15.45 -32.27 -9.25
N ARG B 498 15.82 -31.39 -8.34
CA ARG B 498 15.63 -31.55 -6.91
C ARG B 498 14.30 -31.01 -6.39
N GLU B 499 13.52 -31.89 -5.74
CA GLU B 499 12.27 -31.52 -5.10
C GLU B 499 12.61 -31.30 -3.64
N LEU B 500 12.01 -30.29 -3.06
CA LEU B 500 12.25 -29.90 -1.69
C LEU B 500 11.32 -30.64 -0.73
N PHE B 501 11.91 -31.27 0.27
CA PHE B 501 11.20 -32.02 1.28
C PHE B 501 11.77 -31.56 2.60
N ALA B 502 11.11 -31.86 3.70
CA ALA B 502 11.63 -31.45 4.99
C ALA B 502 12.90 -32.28 5.32
N PRO B 503 13.94 -31.70 5.98
CA PRO B 503 15.13 -32.51 6.34
C PRO B 503 14.79 -33.68 7.28
N CYS B 504 15.73 -34.66 7.49
CA CYS B 504 15.60 -35.84 8.38
C CYS B 504 15.12 -35.52 9.75
N HIS B 505 14.21 -36.34 10.25
CA HIS B 505 13.77 -36.30 11.64
C HIS B 505 13.28 -37.68 12.07
N HIS B 506 14.16 -38.69 11.93
CA HIS B 506 13.91 -40.08 12.29
C HIS B 506 15.04 -40.66 13.18
N ASP B 507 14.72 -41.70 13.95
CA ASP B 507 15.68 -42.29 14.88
C ASP B 507 16.68 -43.22 14.22
N GLY B 508 16.24 -43.96 13.21
CA GLY B 508 17.08 -44.96 12.57
C GLY B 508 18.18 -44.44 11.67
N PRO B 509 18.75 -45.34 10.82
CA PRO B 509 19.79 -44.91 9.88
C PRO B 509 19.19 -44.18 8.68
N CYS B 510 20.03 -43.45 7.91
CA CYS B 510 19.53 -42.69 6.76
C CYS B 510 19.53 -43.54 5.51
N THR B 511 18.59 -44.48 5.45
CA THR B 511 18.45 -45.45 4.35
C THR B 511 17.04 -45.44 3.76
N ALA B 512 16.89 -45.92 2.50
CA ALA B 512 15.59 -46.05 1.82
C ALA B 512 14.71 -46.99 2.66
N ALA B 513 15.30 -48.12 3.14
CA ALA B 513 14.68 -49.14 4.00
C ALA B 513 14.03 -48.58 5.28
N ASN B 514 14.59 -47.48 5.81
CA ASN B 514 14.11 -46.80 7.01
C ASN B 514 13.26 -45.57 6.64
N GLY B 515 12.91 -45.46 5.36
CA GLY B 515 12.09 -44.38 4.83
C GLY B 515 12.69 -42.99 4.99
N CYS B 516 14.05 -42.88 4.94
CA CYS B 516 14.70 -41.58 5.02
C CYS B 516 14.42 -40.81 3.73
N PRO B 517 13.81 -39.60 3.81
CA PRO B 517 13.52 -38.82 2.59
C PRO B 517 14.77 -38.50 1.76
N CYS B 518 15.89 -38.06 2.41
CA CYS B 518 17.17 -37.73 1.77
C CYS B 518 17.63 -38.87 0.87
N ALA B 519 17.49 -40.12 1.33
CA ALA B 519 17.92 -41.27 0.54
C ALA B 519 16.89 -41.77 -0.50
N SER B 520 15.61 -41.82 -0.13
CA SER B 520 14.54 -42.42 -0.95
C SER B 520 13.63 -41.47 -1.76
N ALA B 521 13.40 -40.21 -1.30
CA ALA B 521 12.48 -39.26 -1.96
C ALA B 521 12.81 -38.93 -3.43
N GLY B 522 14.08 -38.90 -3.80
CA GLY B 522 14.49 -38.62 -5.17
C GLY B 522 14.89 -39.84 -5.95
N THR B 523 15.13 -39.64 -7.26
CA THR B 523 15.57 -40.67 -8.23
C THR B 523 16.92 -41.27 -7.76
N HIS B 524 17.69 -40.42 -7.05
CA HIS B 524 19.01 -40.67 -6.45
C HIS B 524 19.01 -40.04 -5.07
N PRO B 525 19.85 -40.51 -4.12
CA PRO B 525 19.87 -39.86 -2.79
C PRO B 525 20.53 -38.49 -2.80
N VAL B 526 20.22 -37.71 -1.80
CA VAL B 526 20.86 -36.43 -1.61
C VAL B 526 21.59 -36.44 -0.27
N LEU B 527 22.66 -35.68 -0.17
CA LEU B 527 23.45 -35.57 1.05
C LEU B 527 22.59 -34.99 2.14
N CYS B 528 22.76 -35.51 3.35
CA CYS B 528 22.07 -35.00 4.53
C CYS B 528 22.70 -33.65 4.92
N GLU B 529 21.88 -32.59 4.88
CA GLU B 529 22.30 -31.23 5.20
C GLU B 529 22.22 -30.96 6.72
N ARG B 530 22.66 -29.75 7.15
CA ARG B 530 22.80 -29.36 8.55
C ARG B 530 21.56 -29.56 9.40
N PHE B 531 20.34 -29.36 8.86
CA PHE B 531 19.08 -29.48 9.58
C PHE B 531 18.53 -30.90 9.69
N CYS B 532 19.19 -31.89 9.07
CA CYS B 532 18.86 -33.32 9.19
C CYS B 532 19.32 -33.69 10.61
N LEU B 533 18.51 -34.40 11.40
CA LEU B 533 18.88 -34.67 12.81
C LEU B 533 19.95 -35.72 13.03
N CYS B 534 20.41 -36.35 11.96
CA CYS B 534 21.46 -37.37 11.99
C CYS B 534 22.78 -36.65 12.22
N THR B 535 23.79 -37.35 12.78
CA THR B 535 25.10 -36.76 13.00
C THR B 535 26.10 -37.25 11.95
N ALA B 536 27.26 -36.57 11.86
CA ALA B 536 28.34 -36.90 10.93
C ALA B 536 28.93 -38.28 11.22
N GLU B 537 28.85 -38.76 12.47
CA GLU B 537 29.36 -40.10 12.79
C GLU B 537 28.36 -41.18 12.40
N GLU B 538 27.11 -41.06 12.82
CA GLU B 538 26.11 -42.08 12.51
C GLU B 538 25.62 -42.10 11.02
N CYS B 539 25.78 -41.00 10.24
CA CYS B 539 25.24 -41.00 8.88
C CYS B 539 26.25 -40.77 7.74
N PRO B 540 26.40 -41.77 6.84
CA PRO B 540 27.30 -41.61 5.68
C PRO B 540 26.87 -40.53 4.67
N LEU B 541 25.57 -40.20 4.61
CA LEU B 541 25.05 -39.17 3.70
C LEU B 541 25.33 -37.73 4.19
N LYS B 542 25.73 -37.52 5.47
CA LYS B 542 25.99 -36.18 6.04
C LYS B 542 27.08 -35.37 5.31
N PHE B 543 26.74 -34.10 4.97
CA PHE B 543 27.69 -33.15 4.40
C PHE B 543 28.56 -32.66 5.55
N THR B 544 29.87 -32.66 5.36
CA THR B 544 30.78 -32.32 6.46
C THR B 544 31.60 -31.07 6.24
N GLY B 545 31.72 -30.64 4.98
CA GLY B 545 32.45 -29.44 4.61
C GLY B 545 33.65 -29.68 3.72
N CYS B 546 34.56 -28.70 3.74
CA CYS B 546 35.78 -28.55 2.99
C CYS B 546 36.98 -29.06 3.70
N ALA B 547 37.85 -29.70 2.94
CA ALA B 547 39.14 -30.18 3.40
C ALA B 547 40.11 -29.03 3.17
N CYS B 548 39.82 -28.18 2.14
CA CYS B 548 40.54 -27.02 1.63
C CYS B 548 41.20 -26.14 2.68
N HIS B 549 42.53 -25.91 2.49
CA HIS B 549 43.42 -25.07 3.32
C HIS B 549 44.67 -24.69 2.52
N SER B 550 44.91 -23.37 2.40
CA SER B 550 46.02 -22.79 1.66
C SER B 550 46.43 -21.43 2.24
N SER B 551 47.69 -21.03 2.00
CA SER B 551 48.24 -19.73 2.42
C SER B 551 47.76 -18.63 1.43
N GLY B 552 47.27 -19.09 0.27
CA GLY B 552 46.67 -18.28 -0.78
C GLY B 552 45.23 -18.72 -1.04
N LYS B 553 44.72 -18.40 -2.23
CA LYS B 553 43.35 -18.72 -2.67
C LYS B 553 43.03 -20.21 -2.82
N THR B 554 41.91 -20.62 -2.20
CA THR B 554 41.36 -21.99 -2.30
C THR B 554 39.86 -21.93 -2.59
N CYS B 555 39.21 -23.11 -2.82
CA CYS B 555 37.79 -23.27 -3.13
C CYS B 555 37.44 -22.63 -4.49
N LEU B 556 38.23 -22.97 -5.52
CA LEU B 556 38.05 -22.47 -6.89
C LEU B 556 37.59 -23.63 -7.77
N GLN B 557 36.67 -23.48 -8.77
CA GLN B 557 35.78 -22.40 -9.20
C GLN B 557 34.98 -22.90 -10.41
N GLN B 559 40.73 -25.58 -8.96
CA GLN B 559 41.56 -25.42 -7.75
C GLN B 559 42.97 -25.91 -8.02
N ARG B 560 43.95 -25.00 -7.83
CA ARG B 560 45.40 -25.16 -8.03
C ARG B 560 46.07 -26.27 -7.16
N GLU B 561 46.22 -26.01 -5.85
CA GLU B 561 46.85 -26.85 -4.83
C GLU B 561 45.94 -28.00 -4.36
N GLY B 562 46.51 -29.20 -4.29
CA GLY B 562 45.87 -30.43 -3.82
C GLY B 562 44.64 -30.93 -4.55
N ARG B 563 43.81 -31.69 -3.81
CA ARG B 563 42.54 -32.28 -4.24
C ARG B 563 41.46 -31.16 -4.51
N PRO B 564 40.37 -31.40 -5.31
CA PRO B 564 39.39 -30.31 -5.56
C PRO B 564 38.61 -29.82 -4.34
N CYS B 565 37.64 -28.91 -4.58
CA CYS B 565 36.73 -28.42 -3.53
C CYS B 565 35.39 -29.09 -3.72
N ILE B 566 35.03 -29.98 -2.79
CA ILE B 566 33.76 -30.71 -2.79
C ILE B 566 32.56 -29.75 -2.91
N CYS B 567 32.66 -28.53 -2.32
CA CYS B 567 31.60 -27.52 -2.34
C CYS B 567 31.38 -27.01 -3.79
N VAL B 568 32.49 -26.65 -4.47
CA VAL B 568 32.49 -26.17 -5.85
C VAL B 568 31.80 -27.22 -6.72
N GLN B 569 32.19 -28.49 -6.52
CA GLN B 569 31.70 -29.69 -7.20
C GLN B 569 30.19 -29.91 -7.03
N LEU B 570 29.67 -29.74 -5.80
CA LEU B 570 28.28 -29.94 -5.41
C LEU B 570 27.38 -28.72 -5.61
N ASN B 571 27.89 -27.72 -6.35
CA ASN B 571 27.25 -26.45 -6.71
C ASN B 571 26.70 -25.75 -5.48
N ARG B 572 27.55 -25.68 -4.46
CA ARG B 572 27.20 -25.03 -3.21
C ARG B 572 28.29 -24.12 -2.76
N GLU B 573 27.92 -23.10 -2.01
CA GLU B 573 28.87 -22.18 -1.44
C GLU B 573 29.27 -22.82 -0.13
N CYS B 574 30.43 -22.45 0.39
CA CYS B 574 30.95 -23.02 1.62
C CYS B 574 30.15 -22.60 2.84
N ASP B 575 30.12 -23.49 3.86
CA ASP B 575 29.41 -23.28 5.12
C ASP B 575 30.35 -22.63 6.16
N PRO B 576 30.03 -21.41 6.67
CA PRO B 576 30.92 -20.77 7.67
C PRO B 576 31.27 -21.64 8.89
N THR B 577 30.43 -22.62 9.19
CA THR B 577 30.61 -23.52 10.31
C THR B 577 31.33 -24.81 9.91
N LEU B 578 30.96 -25.40 8.75
CA LEU B 578 31.52 -26.68 8.33
C LEU B 578 32.84 -26.57 7.61
N CYS B 579 33.07 -25.44 6.93
CA CYS B 579 34.28 -25.25 6.14
C CYS B 579 35.35 -24.46 6.91
N LYS B 580 36.10 -25.23 7.73
CA LYS B 580 37.18 -24.75 8.58
C LYS B 580 38.52 -24.68 7.82
N GLY B 581 39.34 -23.72 8.23
CA GLY B 581 40.63 -23.42 7.60
C GLY B 581 40.47 -23.08 6.14
N CYS B 582 39.30 -22.50 5.77
CA CYS B 582 38.87 -22.15 4.42
C CYS B 582 39.35 -20.79 3.97
N GLY B 583 39.09 -19.69 4.67
CA GLY B 583 38.35 -19.52 5.92
C GLY B 583 37.04 -18.81 5.63
N ALA B 584 36.01 -19.61 5.28
CA ALA B 584 34.64 -19.16 4.98
C ALA B 584 34.07 -18.40 6.13
N ARG B 585 34.30 -18.87 7.39
CA ARG B 585 33.82 -18.27 8.64
C ARG B 585 33.95 -16.74 8.65
N GLU B 586 35.15 -16.21 8.29
CA GLU B 586 35.37 -14.75 8.26
C GLU B 586 35.07 -14.13 6.88
N ARG B 587 35.09 -14.95 5.80
CA ARG B 587 34.81 -14.47 4.43
C ARG B 587 33.31 -14.43 4.06
N ALA B 588 32.45 -15.24 4.72
CA ALA B 588 30.99 -15.27 4.53
C ALA B 588 30.32 -14.29 5.53
N ASP B 589 31.15 -13.64 6.36
CA ASP B 589 30.70 -12.63 7.33
C ASP B 589 30.43 -11.34 6.54
N PRO B 590 29.17 -10.85 6.50
CA PRO B 590 28.88 -9.61 5.74
C PRO B 590 29.63 -8.38 6.28
N GLU B 591 30.14 -8.47 7.52
CA GLU B 591 30.91 -7.41 8.17
C GLU B 591 32.28 -7.23 7.51
N ASN B 592 32.77 -8.28 6.83
CA ASN B 592 34.06 -8.28 6.14
C ASN B 592 33.90 -8.25 4.61
N ALA B 593 32.70 -7.85 4.14
CA ALA B 593 32.40 -7.78 2.71
C ALA B 593 33.41 -6.96 1.92
N TYR B 594 33.86 -5.84 2.47
CA TYR B 594 34.77 -4.97 1.75
C TYR B 594 36.25 -5.07 2.20
N ASP B 595 36.59 -6.11 2.96
CA ASP B 595 37.97 -6.38 3.38
C ASP B 595 38.70 -7.04 2.17
N GLU B 596 39.23 -6.20 1.26
CA GLU B 596 39.94 -6.72 0.08
C GLU B 596 41.14 -7.60 0.45
N VAL B 597 41.88 -7.23 1.53
CA VAL B 597 43.04 -7.97 2.05
C VAL B 597 42.70 -9.42 2.43
N LEU B 598 41.61 -9.60 3.21
CA LEU B 598 41.11 -10.89 3.69
C LEU B 598 40.70 -11.79 2.51
N HIS B 599 40.00 -11.22 1.52
CA HIS B 599 39.46 -11.96 0.38
C HIS B 599 40.51 -12.32 -0.68
N SER B 600 41.78 -11.85 -0.50
CA SER B 600 42.92 -12.19 -1.36
C SER B 600 43.34 -13.62 -1.03
N THR B 601 42.95 -14.07 0.20
CA THR B 601 43.22 -15.39 0.79
C THR B 601 41.99 -16.31 0.72
N GLY B 602 42.27 -17.60 0.69
CA GLY B 602 41.41 -18.77 0.57
C GLY B 602 39.92 -18.65 0.65
N CYS B 603 39.22 -19.06 -0.43
CA CYS B 603 37.74 -19.10 -0.53
C CYS B 603 37.22 -17.68 -0.61
N GLN B 604 36.80 -17.17 -1.79
CA GLN B 604 36.72 -17.61 -3.19
C GLN B 604 35.45 -18.45 -3.52
N ASN B 605 34.74 -19.01 -2.51
CA ASN B 605 33.48 -19.75 -2.74
C ASN B 605 32.40 -19.32 -1.75
N VAL B 606 32.27 -18.01 -1.57
CA VAL B 606 31.39 -17.42 -0.59
C VAL B 606 30.87 -16.07 -1.12
N ALA B 607 30.87 -15.91 -2.46
CA ALA B 607 30.43 -14.71 -3.19
C ALA B 607 29.07 -14.16 -2.80
N LEU B 608 28.06 -15.02 -2.75
CA LEU B 608 26.69 -14.64 -2.46
C LEU B 608 26.55 -14.21 -1.02
N GLN B 609 27.26 -14.89 -0.11
CA GLN B 609 27.29 -14.62 1.33
C GLN B 609 28.03 -13.32 1.66
N ARG B 610 28.88 -12.91 0.75
CA ARG B 610 29.63 -11.68 0.83
C ARG B 610 28.76 -10.50 0.28
N GLY B 611 28.38 -10.58 -1.00
CA GLY B 611 27.60 -9.62 -1.78
C GLY B 611 27.64 -8.16 -1.38
N ALA B 612 28.64 -7.33 -1.79
CA ALA B 612 29.85 -7.49 -2.62
C ALA B 612 29.61 -7.96 -4.06
N ALA B 613 29.02 -7.05 -4.87
CA ALA B 613 28.78 -7.21 -6.28
C ALA B 613 29.70 -6.22 -6.99
N LYS B 614 30.00 -6.46 -8.26
CA LYS B 614 30.84 -5.55 -9.02
C LYS B 614 30.03 -4.29 -9.35
N ALA B 615 30.69 -3.11 -9.44
CA ALA B 615 30.05 -1.84 -9.79
C ALA B 615 29.49 -1.92 -11.21
N VAL B 616 28.18 -1.66 -11.32
CA VAL B 616 27.39 -1.74 -12.54
C VAL B 616 26.60 -0.43 -12.69
N VAL B 617 26.12 -0.13 -13.89
CA VAL B 617 25.39 1.08 -14.18
C VAL B 617 24.25 0.81 -15.18
N LEU B 618 23.10 1.40 -14.92
CA LEU B 618 21.93 1.25 -15.77
C LEU B 618 22.06 2.20 -16.96
N GLY B 619 21.55 1.77 -18.11
CA GLY B 619 21.54 2.60 -19.30
C GLY B 619 20.60 2.08 -20.35
N LYS B 620 20.57 2.74 -21.51
CA LYS B 620 19.78 2.31 -22.66
C LYS B 620 20.65 1.24 -23.35
N SER B 621 20.09 0.05 -23.61
CA SER B 621 20.78 -1.08 -24.25
C SER B 621 21.18 -0.75 -25.68
N GLN B 622 22.28 -1.37 -26.16
CA GLN B 622 22.76 -1.19 -27.55
C GLN B 622 21.87 -1.98 -28.49
N LEU B 623 21.13 -2.98 -27.98
CA LEU B 623 20.22 -3.84 -28.75
C LEU B 623 19.04 -3.01 -29.23
N GLU B 624 18.78 -3.02 -30.57
CA GLU B 624 17.72 -2.25 -31.24
C GLU B 624 16.38 -2.39 -30.49
N ALA B 625 15.78 -1.25 -30.10
CA ALA B 625 14.50 -1.18 -29.36
C ALA B 625 14.37 -2.19 -28.18
N CYS B 626 15.41 -2.28 -27.34
CA CYS B 626 15.41 -3.19 -26.19
C CYS B 626 15.03 -2.54 -24.86
N GLY B 627 15.16 -1.23 -24.79
CA GLY B 627 14.93 -0.47 -23.58
C GLY B 627 16.21 -0.44 -22.76
N TYR B 628 16.11 -0.85 -21.48
CA TYR B 628 17.25 -0.85 -20.57
C TYR B 628 18.23 -2.02 -20.75
N GLY B 629 19.47 -1.73 -20.39
CA GLY B 629 20.58 -2.65 -20.33
C GLY B 629 21.42 -2.35 -19.10
N LEU B 630 22.22 -3.35 -18.67
CA LEU B 630 23.15 -3.17 -17.56
C LEU B 630 24.56 -3.13 -18.13
N PHE B 631 25.32 -2.12 -17.70
CA PHE B 631 26.68 -1.91 -18.18
C PHE B 631 27.65 -2.05 -17.03
N ALA B 632 28.83 -2.60 -17.33
CA ALA B 632 29.92 -2.74 -16.37
C ALA B 632 30.39 -1.32 -15.99
N ALA B 633 30.62 -1.04 -14.70
CA ALA B 633 31.12 0.28 -14.29
C ALA B 633 32.51 0.13 -13.67
N GLU B 634 33.11 -1.03 -13.93
CA GLU B 634 34.36 -1.51 -13.37
C GLU B 634 34.85 -2.61 -14.28
N ASP B 635 36.20 -2.73 -14.41
CA ASP B 635 36.83 -3.80 -15.17
C ASP B 635 36.56 -5.08 -14.42
N ILE B 636 35.98 -6.07 -15.10
CA ILE B 636 35.68 -7.36 -14.49
C ILE B 636 36.52 -8.44 -15.16
N GLU B 637 37.25 -9.23 -14.35
CA GLU B 637 38.11 -10.31 -14.81
C GLU B 637 37.32 -11.60 -14.93
N GLU B 638 37.75 -12.49 -15.84
CA GLU B 638 37.17 -13.82 -16.07
C GLU B 638 37.05 -14.60 -14.76
N GLY B 639 35.86 -15.16 -14.52
CA GLY B 639 35.55 -15.96 -13.34
C GLY B 639 35.23 -15.17 -12.09
N GLU B 640 35.14 -13.83 -12.20
CA GLU B 640 34.78 -13.01 -11.03
C GLU B 640 33.27 -13.06 -10.82
N PHE B 641 32.84 -12.92 -9.56
CA PHE B 641 31.41 -12.83 -9.23
C PHE B 641 30.93 -11.44 -9.66
N VAL B 642 29.83 -11.37 -10.41
CA VAL B 642 29.33 -10.08 -10.88
C VAL B 642 28.23 -9.50 -9.99
N ILE B 643 27.08 -10.19 -9.95
CA ILE B 643 25.83 -9.83 -9.30
C ILE B 643 25.02 -11.10 -9.14
N GLU B 644 24.01 -11.07 -8.24
CA GLU B 644 23.04 -12.14 -7.97
C GLU B 644 21.73 -11.74 -8.66
N TYR B 645 20.90 -12.73 -9.02
CA TYR B 645 19.58 -12.42 -9.55
C TYR B 645 18.55 -12.55 -8.43
N THR B 646 18.06 -11.40 -7.92
CA THR B 646 17.03 -11.37 -6.89
C THR B 646 15.65 -11.00 -7.49
N GLY B 647 14.60 -11.38 -6.77
CA GLY B 647 13.19 -11.15 -7.10
C GLY B 647 12.22 -11.81 -6.13
N GLU B 648 10.95 -11.84 -6.51
CA GLU B 648 9.94 -12.47 -5.66
C GLU B 648 9.93 -13.94 -5.99
N LEU B 649 9.89 -14.77 -4.95
CA LEU B 649 9.83 -16.22 -5.13
C LEU B 649 8.36 -16.57 -5.28
N ILE B 650 8.03 -17.15 -6.43
CA ILE B 650 6.68 -17.49 -6.82
C ILE B 650 6.62 -18.91 -7.39
N SER B 651 5.42 -19.52 -7.39
CA SER B 651 5.16 -20.84 -7.94
C SER B 651 4.95 -20.69 -9.44
N HIS B 652 4.95 -21.82 -10.19
CA HIS B 652 4.70 -21.86 -11.63
C HIS B 652 3.30 -21.26 -11.92
N ASP B 653 2.30 -21.70 -11.15
CA ASP B 653 0.92 -21.24 -11.29
C ASP B 653 0.79 -19.73 -11.10
N GLU B 654 1.33 -19.19 -9.98
CA GLU B 654 1.34 -17.75 -9.68
C GLU B 654 2.01 -16.95 -10.82
N GLY B 655 3.06 -17.53 -11.42
CA GLY B 655 3.76 -16.95 -12.55
C GLY B 655 2.90 -16.86 -13.79
N VAL B 656 2.00 -17.86 -14.00
CA VAL B 656 1.05 -17.93 -15.13
C VAL B 656 0.06 -16.78 -15.03
N ARG B 657 -0.51 -16.60 -13.83
CA ARG B 657 -1.46 -15.53 -13.52
C ARG B 657 -0.87 -14.14 -13.82
N ARG B 658 0.45 -13.98 -13.58
CA ARG B 658 1.19 -12.73 -13.79
C ARG B 658 1.53 -12.48 -15.26
N GLU B 659 1.74 -13.56 -16.05
CA GLU B 659 2.07 -13.49 -17.48
C GLU B 659 0.86 -13.00 -18.30
N HIS B 660 -0.37 -13.29 -17.83
CA HIS B 660 -1.60 -12.83 -18.51
C HIS B 660 -1.85 -11.37 -18.14
N ARG B 661 -2.36 -11.10 -16.92
CA ARG B 661 -2.62 -9.75 -16.41
C ARG B 661 -2.99 -9.78 -14.94
N LYS B 671 5.48 -9.14 -23.81
CA LYS B 671 6.45 -8.20 -24.39
C LYS B 671 7.75 -8.09 -23.56
N VAL B 672 7.62 -7.91 -22.23
CA VAL B 672 8.72 -7.82 -21.28
C VAL B 672 8.41 -8.72 -20.05
N SER B 673 9.31 -9.69 -19.79
CA SER B 673 9.24 -10.68 -18.70
C SER B 673 10.55 -10.70 -17.89
N TYR B 674 10.44 -10.77 -16.53
CA TYR B 674 11.57 -10.82 -15.57
C TYR B 674 11.61 -12.13 -14.75
N LEU B 675 10.91 -13.16 -15.20
CA LEU B 675 10.93 -14.45 -14.52
C LEU B 675 12.24 -15.14 -14.77
N PHE B 676 12.73 -15.90 -13.78
CA PHE B 676 13.93 -16.72 -13.82
C PHE B 676 13.60 -18.04 -13.13
N THR B 677 13.78 -19.18 -13.81
CA THR B 677 13.54 -20.48 -13.17
C THR B 677 14.64 -20.74 -12.17
N LEU B 678 14.27 -20.93 -10.89
CA LEU B 678 15.20 -21.19 -9.78
C LEU B 678 15.31 -22.70 -9.58
N LEU B 679 14.21 -23.37 -9.20
CA LEU B 679 14.16 -24.81 -9.02
C LEU B 679 13.02 -25.34 -9.86
N GLU B 680 13.36 -25.71 -11.11
CA GLU B 680 12.47 -26.22 -12.15
C GLU B 680 11.51 -27.33 -11.68
N GLN B 681 12.04 -28.51 -11.30
CA GLN B 681 11.26 -29.64 -10.81
C GLN B 681 10.33 -29.27 -9.62
N GLU B 682 10.84 -28.48 -8.69
CA GLU B 682 10.12 -28.03 -7.50
C GLU B 682 9.07 -26.99 -7.88
N GLY B 683 9.22 -26.37 -9.03
CA GLY B 683 8.29 -25.37 -9.54
C GLY B 683 8.44 -23.99 -8.94
N ILE B 684 9.68 -23.60 -8.55
CA ILE B 684 9.94 -22.27 -7.98
C ILE B 684 10.64 -21.35 -9.00
N TRP B 685 10.19 -20.09 -9.04
CA TRP B 685 10.67 -19.05 -9.95
C TRP B 685 10.94 -17.78 -9.17
N VAL B 686 11.84 -16.94 -9.73
CA VAL B 686 12.26 -15.63 -9.22
C VAL B 686 11.71 -14.58 -10.21
N ASP B 687 10.85 -13.68 -9.75
CA ASP B 687 10.24 -12.64 -10.59
C ASP B 687 10.75 -11.29 -10.17
N ALA B 688 11.51 -10.61 -11.03
CA ALA B 688 12.10 -9.32 -10.72
C ALA B 688 11.34 -8.10 -11.30
N ALA B 689 10.04 -8.30 -11.66
CA ALA B 689 9.16 -7.30 -12.26
C ALA B 689 9.12 -6.01 -11.46
N ILE B 690 8.92 -6.13 -10.13
CA ILE B 690 8.88 -5.00 -9.19
C ILE B 690 10.11 -5.03 -8.25
N TYR B 691 10.33 -6.18 -7.58
CA TYR B 691 11.41 -6.34 -6.63
C TYR B 691 12.52 -7.20 -7.17
N GLY B 692 13.75 -6.70 -7.06
CA GLY B 692 14.96 -7.37 -7.51
C GLY B 692 16.19 -6.46 -7.47
N ASN B 693 17.08 -6.58 -8.45
CA ASN B 693 18.22 -5.69 -8.49
C ASN B 693 18.53 -5.31 -9.93
N LEU B 694 19.65 -4.62 -10.18
CA LEU B 694 19.98 -4.19 -11.53
C LEU B 694 20.15 -5.34 -12.50
N SER B 695 20.41 -6.57 -12.00
CA SER B 695 20.53 -7.77 -12.84
C SER B 695 19.26 -8.07 -13.67
N ARG B 696 18.11 -7.43 -13.32
CA ARG B 696 16.85 -7.58 -14.07
C ARG B 696 16.92 -6.97 -15.46
N TYR B 697 17.90 -6.07 -15.69
CA TYR B 697 18.05 -5.34 -16.94
C TYR B 697 18.97 -6.01 -17.93
N ILE B 698 19.78 -6.98 -17.49
CA ILE B 698 20.70 -7.75 -18.36
C ILE B 698 19.92 -8.42 -19.49
N ASN B 699 20.24 -8.02 -20.71
CA ASN B 699 19.62 -8.52 -21.93
C ASN B 699 20.25 -9.82 -22.39
N HIS B 700 19.55 -10.49 -23.32
CA HIS B 700 19.96 -11.75 -23.90
C HIS B 700 21.01 -11.61 -25.03
N ALA B 701 21.77 -12.69 -25.26
CA ALA B 701 22.77 -12.93 -26.30
C ALA B 701 23.12 -14.41 -26.21
N THR B 702 23.28 -15.09 -27.36
CA THR B 702 23.65 -16.52 -27.43
C THR B 702 25.01 -16.69 -26.74
N ASP B 703 25.95 -15.76 -27.01
CA ASP B 703 27.23 -15.72 -26.34
C ASP B 703 27.46 -14.40 -25.60
N GLY B 704 27.01 -14.37 -24.35
CA GLY B 704 27.19 -13.22 -23.47
C GLY B 704 28.55 -13.25 -22.81
N ASN B 705 28.83 -12.26 -21.95
CA ASN B 705 30.09 -12.18 -21.20
C ASN B 705 29.95 -12.61 -19.71
N ILE B 706 28.75 -13.07 -19.30
CA ILE B 706 28.43 -13.54 -17.96
C ILE B 706 27.55 -14.78 -18.05
N MET B 707 27.47 -15.57 -16.94
CA MET B 707 26.69 -16.78 -16.87
C MET B 707 25.99 -16.99 -15.55
N PRO B 708 24.68 -17.33 -15.59
CA PRO B 708 23.98 -17.67 -14.34
C PRO B 708 24.30 -19.10 -13.94
N LYS B 709 24.23 -19.37 -12.63
CA LYS B 709 24.46 -20.68 -12.01
C LYS B 709 23.56 -20.70 -10.79
N ILE B 710 22.94 -21.87 -10.50
CA ILE B 710 22.10 -22.05 -9.32
C ILE B 710 22.96 -22.69 -8.28
N MET B 711 23.09 -22.00 -7.13
CA MET B 711 23.93 -22.36 -6.01
C MET B 711 23.14 -22.69 -4.74
N TYR B 712 23.59 -23.74 -4.04
CA TYR B 712 23.02 -24.08 -2.76
C TYR B 712 23.78 -23.21 -1.76
N VAL B 713 23.11 -22.27 -1.09
CA VAL B 713 23.70 -21.33 -0.12
C VAL B 713 23.00 -21.37 1.28
N ASN B 714 23.43 -22.35 2.13
CA ASN B 714 22.99 -22.55 3.51
C ASN B 714 21.50 -22.81 3.60
N HIS B 715 21.03 -23.71 2.73
CA HIS B 715 19.65 -24.17 2.58
C HIS B 715 18.77 -23.15 1.86
N GLU B 716 19.40 -22.37 1.00
CA GLU B 716 18.73 -21.43 0.14
C GLU B 716 19.24 -21.73 -1.25
N TRP B 717 18.43 -21.54 -2.27
CA TRP B 717 18.88 -21.66 -3.64
C TRP B 717 18.87 -20.26 -4.15
N ARG B 718 20.04 -19.81 -4.64
CA ARG B 718 20.26 -18.44 -5.13
C ARG B 718 20.94 -18.51 -6.50
N ILE B 719 20.72 -17.49 -7.37
CA ILE B 719 21.29 -17.40 -8.74
C ILE B 719 22.45 -16.40 -8.73
N LYS B 720 23.63 -16.81 -9.14
CA LYS B 720 24.76 -15.89 -9.24
C LYS B 720 25.24 -15.74 -10.69
N PHE B 721 25.74 -14.55 -11.04
CA PHE B 721 26.30 -14.29 -12.36
C PHE B 721 27.79 -14.24 -12.27
N THR B 722 28.44 -15.04 -13.12
CA THR B 722 29.90 -15.12 -13.16
C THR B 722 30.37 -14.70 -14.54
N ALA B 723 31.40 -13.85 -14.61
CA ALA B 723 31.98 -13.43 -15.87
C ALA B 723 32.70 -14.62 -16.52
N ILE B 724 32.48 -14.80 -17.85
CA ILE B 724 33.08 -15.89 -18.63
C ILE B 724 34.12 -15.31 -19.62
N LYS B 725 34.23 -13.97 -19.63
CA LYS B 725 35.15 -13.16 -20.44
C LYS B 725 35.61 -11.96 -19.57
N ASP B 726 36.69 -11.28 -20.00
CA ASP B 726 37.16 -10.06 -19.32
C ASP B 726 36.26 -8.98 -19.85
N ILE B 727 35.61 -8.24 -18.96
CA ILE B 727 34.69 -7.15 -19.32
C ILE B 727 35.31 -5.81 -18.90
N LYS B 728 35.30 -4.81 -19.78
CA LYS B 728 35.83 -3.47 -19.47
C LYS B 728 34.69 -2.52 -19.06
N ALA B 729 34.99 -1.55 -18.17
CA ALA B 729 34.03 -0.53 -17.75
C ALA B 729 33.43 0.17 -18.97
N GLY B 730 32.10 0.20 -19.04
CA GLY B 730 31.34 0.78 -20.14
C GLY B 730 30.74 -0.27 -21.05
N GLU B 731 31.38 -1.46 -21.11
CA GLU B 731 30.95 -2.61 -21.91
C GLU B 731 29.64 -3.16 -21.29
N GLU B 732 28.62 -3.42 -22.13
CA GLU B 732 27.32 -3.97 -21.74
C GLU B 732 27.42 -5.43 -21.30
N LEU B 733 26.61 -5.82 -20.31
CA LEU B 733 26.58 -7.18 -19.81
C LEU B 733 25.47 -7.96 -20.51
N PHE B 734 25.81 -9.16 -20.98
CA PHE B 734 24.88 -10.05 -21.68
C PHE B 734 25.02 -11.48 -21.16
N PHE B 735 23.94 -12.27 -21.25
CA PHE B 735 23.93 -13.68 -20.88
C PHE B 735 22.91 -14.46 -21.76
N ASN B 736 23.02 -15.81 -21.79
CA ASN B 736 22.08 -16.64 -22.56
C ASN B 736 20.86 -17.06 -21.70
N TYR B 737 19.65 -16.56 -22.06
CA TYR B 737 18.36 -16.82 -21.37
C TYR B 737 17.93 -18.31 -21.41
N GLY B 738 18.53 -19.08 -22.33
CA GLY B 738 18.23 -20.50 -22.47
C GLY B 738 17.13 -20.81 -23.46
N ASP B 739 16.56 -22.04 -23.35
CA ASP B 739 15.49 -22.60 -24.20
C ASP B 739 14.31 -21.66 -24.49
N ASN B 740 13.69 -21.07 -23.43
CA ASN B 740 12.59 -20.12 -23.56
C ASN B 740 13.11 -18.74 -23.94
N LEU B 744 13.42 -13.83 -29.17
CA LEU B 744 14.71 -13.32 -28.71
C LEU B 744 15.71 -13.30 -29.85
N THR B 745 15.38 -12.56 -30.91
CA THR B 745 16.15 -12.55 -32.17
C THR B 745 16.87 -11.21 -32.49
N LYS B 746 17.18 -10.40 -31.46
CA LYS B 746 17.87 -9.11 -31.58
C LYS B 746 19.36 -9.22 -31.18
N LYS B 747 20.26 -9.10 -32.18
CA LYS B 747 21.72 -9.19 -32.05
C LYS B 747 22.33 -7.78 -31.98
N MET B 778 4.83 -24.46 -19.78
CA MET B 778 5.22 -23.58 -20.89
C MET B 778 5.38 -22.11 -20.44
N LEU B 779 5.95 -21.91 -19.23
CA LEU B 779 6.17 -20.58 -18.68
C LEU B 779 7.45 -19.95 -19.24
N PRO B 780 7.32 -18.83 -20.01
CA PRO B 780 8.53 -18.20 -20.57
C PRO B 780 9.29 -17.43 -19.51
N GLY B 781 10.54 -17.83 -19.32
CA GLY B 781 11.43 -17.25 -18.34
C GLY B 781 12.85 -17.78 -18.46
N ARG B 782 13.84 -16.93 -18.10
CA ARG B 782 15.26 -17.24 -18.08
C ARG B 782 15.57 -18.54 -17.34
N GLY B 783 16.73 -19.09 -17.60
CA GLY B 783 17.22 -20.32 -17.00
C GLY B 783 18.69 -20.49 -17.28
N VAL B 784 19.31 -21.48 -16.60
CA VAL B 784 20.72 -21.79 -16.78
C VAL B 784 20.85 -22.80 -17.92
N PRO B 796 37.36 4.68 -5.63
CA PRO B 796 37.24 5.94 -6.39
C PRO B 796 36.37 5.83 -7.67
N LEU B 797 35.31 4.96 -7.62
CA LEU B 797 34.36 4.64 -8.70
C LEU B 797 33.67 5.83 -9.38
N LEU B 798 33.77 5.86 -10.72
CA LEU B 798 33.17 6.90 -11.57
C LEU B 798 32.20 6.35 -12.64
N VAL B 799 31.40 7.25 -13.24
CA VAL B 799 30.46 6.92 -14.31
C VAL B 799 31.31 6.71 -15.58
N PRO B 800 31.21 5.54 -16.24
CA PRO B 800 32.08 5.30 -17.41
C PRO B 800 31.73 6.06 -18.70
N LYS B 801 32.65 5.96 -19.69
CA LYS B 801 32.50 6.51 -21.03
C LYS B 801 31.75 5.44 -21.85
N THR B 802 30.72 5.85 -22.59
CA THR B 802 29.86 4.95 -23.38
C THR B 802 29.16 5.71 -24.51
N THR B 803 28.74 4.98 -25.57
CA THR B 803 27.95 5.55 -26.67
C THR B 803 26.46 5.63 -26.26
N GLN B 804 26.10 4.88 -25.21
CA GLN B 804 24.72 4.81 -24.72
C GLN B 804 24.48 5.74 -23.53
N PRO B 805 23.28 6.37 -23.45
CA PRO B 805 22.99 7.16 -22.27
C PRO B 805 22.85 6.24 -21.05
N LEU B 806 23.35 6.70 -19.90
CA LEU B 806 23.29 5.99 -18.61
C LEU B 806 22.33 6.72 -17.69
N PHE B 807 21.75 6.02 -16.71
CA PHE B 807 20.81 6.66 -15.78
C PHE B 807 20.91 6.18 -14.35
N ASP B 808 20.50 7.03 -13.39
CA ASP B 808 20.42 6.64 -11.99
C ASP B 808 19.25 5.65 -11.94
N PRO B 809 19.33 4.51 -11.22
CA PRO B 809 18.19 3.59 -11.24
C PRO B 809 16.92 4.25 -10.67
N LEU B 810 17.00 4.90 -9.48
CA LEU B 810 15.87 5.58 -8.83
C LEU B 810 15.37 6.86 -9.55
N SER B 811 16.21 7.91 -9.65
CA SER B 811 15.81 9.19 -10.24
C SER B 811 15.60 9.19 -11.77
N LYS B 812 16.30 8.30 -12.50
CA LYS B 812 16.31 8.20 -13.97
C LYS B 812 16.99 9.43 -14.61
N VAL B 813 17.79 10.17 -13.82
CA VAL B 813 18.52 11.33 -14.34
C VAL B 813 19.58 10.77 -15.29
N GLN B 814 19.80 11.42 -16.44
CA GLN B 814 20.82 10.92 -17.33
C GLN B 814 22.15 11.20 -16.65
N LEU B 815 23.05 10.20 -16.64
CA LEU B 815 24.36 10.37 -16.03
C LEU B 815 25.37 10.88 -17.06
N LEU B 816 26.48 11.47 -16.57
CA LEU B 816 27.54 11.99 -17.43
C LEU B 816 28.90 11.36 -17.05
N PRO B 817 29.69 10.87 -18.04
CA PRO B 817 30.99 10.24 -17.70
C PRO B 817 31.90 11.08 -16.80
N GLY B 818 32.61 10.42 -15.89
CA GLY B 818 33.54 11.08 -14.98
C GLY B 818 32.98 11.49 -13.63
N GLN B 819 31.63 11.57 -13.54
CA GLN B 819 30.87 11.91 -12.32
C GLN B 819 31.03 10.76 -11.29
N PRO B 820 31.01 11.00 -9.95
CA PRO B 820 31.11 9.85 -9.01
C PRO B 820 29.92 8.93 -9.24
N LEU B 821 30.18 7.61 -9.38
CA LEU B 821 29.14 6.61 -9.64
C LEU B 821 28.07 6.56 -8.56
N PRO B 822 26.77 6.72 -8.94
CA PRO B 822 25.70 6.59 -7.93
C PRO B 822 25.72 5.19 -7.33
N GLN B 823 25.79 5.10 -6.00
CA GLN B 823 25.80 3.83 -5.24
C GLN B 823 24.95 4.04 -4.00
N HIS B 824 23.66 3.68 -4.10
CA HIS B 824 22.66 3.89 -3.06
C HIS B 824 22.42 2.69 -2.16
N PRO B 825 22.63 2.87 -0.85
CA PRO B 825 22.38 1.77 0.07
C PRO B 825 20.88 1.43 0.11
N ILE B 826 20.55 0.13 0.14
CA ILE B 826 19.20 -0.38 0.15
C ILE B 826 18.54 -0.10 1.49
N ASP B 827 17.37 0.57 1.47
CA ASP B 827 16.55 0.77 2.65
C ASP B 827 15.39 -0.27 2.55
N ASP B 828 15.41 -1.29 3.43
CA ASP B 828 14.41 -2.34 3.39
C ASP B 828 13.34 -2.21 4.51
N SER B 829 13.20 -1.01 5.13
CA SER B 829 12.15 -0.78 6.14
C SER B 829 10.74 -1.13 5.64
N TRP B 830 10.42 -0.81 4.36
CA TRP B 830 9.11 -1.07 3.78
C TRP B 830 8.81 -2.56 3.88
N LEU B 831 9.85 -3.40 3.66
CA LEU B 831 9.81 -4.86 3.72
C LEU B 831 9.75 -5.35 5.16
N LEU B 832 10.52 -4.72 6.11
CA LEU B 832 10.51 -5.05 7.54
C LEU B 832 9.12 -4.86 8.10
N LEU B 833 8.47 -3.75 7.69
CA LEU B 833 7.13 -3.38 8.13
C LEU B 833 6.07 -4.41 7.76
N LYS B 834 6.14 -4.98 6.55
CA LYS B 834 5.23 -6.02 6.05
C LYS B 834 5.34 -7.30 6.90
N HIS B 835 6.55 -7.58 7.42
CA HIS B 835 6.76 -8.74 8.29
C HIS B 835 6.20 -8.42 9.70
N ARG B 836 6.24 -7.12 10.11
CA ARG B 836 5.68 -6.67 11.39
C ARG B 836 4.14 -6.87 11.37
N ASP B 837 3.51 -6.33 10.34
CA ASP B 837 2.09 -6.41 10.13
C ASP B 837 1.60 -7.84 9.93
N ASN B 838 2.40 -8.72 9.28
CA ASN B 838 2.02 -10.14 9.04
C ASN B 838 1.84 -10.86 10.37
N LEU B 839 2.69 -10.55 11.36
CA LEU B 839 2.59 -11.13 12.71
C LEU B 839 1.42 -10.45 13.43
N GLN B 840 1.23 -9.11 13.24
CA GLN B 840 0.13 -8.35 13.85
C GLN B 840 -1.27 -8.90 13.41
N ASP B 841 -1.33 -9.55 12.24
CA ASP B 841 -2.55 -10.15 11.70
C ASP B 841 -2.74 -11.63 12.12
N PHE B 842 -1.95 -12.13 13.09
CA PHE B 842 -2.12 -13.49 13.58
C PHE B 842 -3.08 -13.57 14.76
N ILE B 843 -4.13 -14.39 14.66
CA ILE B 843 -5.03 -14.56 15.80
C ILE B 843 -4.39 -15.50 16.89
N ASP B 844 -3.71 -16.60 16.45
CA ASP B 844 -3.06 -17.62 17.31
C ASP B 844 -2.04 -17.05 18.33
N LEU B 845 -1.53 -15.82 18.09
CA LEU B 845 -0.54 -15.20 18.98
C LEU B 845 -1.14 -14.15 19.91
N ARG B 846 -0.72 -14.18 21.19
CA ARG B 846 -1.10 -13.22 22.23
C ARG B 846 -0.41 -11.86 21.94
N PRO B 847 -0.91 -10.71 22.46
CA PRO B 847 -0.25 -9.43 22.14
C PRO B 847 1.15 -9.36 22.74
N GLU B 848 1.36 -10.09 23.85
CA GLU B 848 2.64 -10.14 24.59
C GLU B 848 3.67 -10.82 23.71
N GLU B 849 3.20 -11.81 22.90
CA GLU B 849 3.93 -12.62 21.94
C GLU B 849 4.33 -11.75 20.75
N LYS B 850 3.35 -11.11 20.10
CA LYS B 850 3.58 -10.20 18.97
C LYS B 850 4.51 -9.05 19.37
N GLU B 851 4.36 -8.46 20.58
CA GLU B 851 5.22 -7.36 21.00
C GLU B 851 6.70 -7.78 20.92
N PHE B 852 7.02 -8.99 21.44
CA PHE B 852 8.39 -9.48 21.40
C PHE B 852 8.81 -9.97 20.00
N LEU B 853 8.01 -10.88 19.37
CA LEU B 853 8.37 -11.41 18.06
C LEU B 853 8.69 -10.29 17.07
N GLN B 854 7.85 -9.25 17.00
CA GLN B 854 8.06 -8.10 16.15
C GLN B 854 9.37 -7.38 16.51
N GLU B 855 9.63 -7.19 17.83
CA GLU B 855 10.87 -6.57 18.31
C GLU B 855 12.12 -7.34 17.86
N TRP B 856 12.13 -8.69 18.04
CA TRP B 856 13.22 -9.58 17.66
C TRP B 856 13.40 -9.60 16.15
N ASP B 857 12.32 -9.85 15.37
CA ASP B 857 12.36 -9.89 13.92
C ASP B 857 12.82 -8.60 13.29
N ALA B 858 12.31 -7.43 13.76
CA ALA B 858 12.73 -6.13 13.23
C ALA B 858 14.24 -6.05 13.28
N PHE B 859 14.81 -6.52 14.38
CA PHE B 859 16.23 -6.56 14.64
C PHE B 859 16.97 -7.63 13.78
N ILE B 860 16.54 -8.92 13.88
CA ILE B 860 17.22 -10.02 13.21
C ILE B 860 17.06 -10.01 11.67
N LEU B 861 15.93 -9.50 11.11
CA LEU B 861 15.76 -9.45 9.64
C LEU B 861 16.76 -8.49 9.00
N ARG B 862 17.13 -7.41 9.71
CA ARG B 862 18.13 -6.42 9.26
C ARG B 862 19.54 -7.04 9.06
N ARG B 863 19.85 -8.14 9.77
CA ARG B 863 21.16 -8.78 9.74
C ARG B 863 21.29 -9.84 8.67
N HIS B 864 20.18 -10.17 7.95
CA HIS B 864 20.13 -11.16 6.85
C HIS B 864 20.97 -12.42 7.09
N ILE B 865 20.80 -13.05 8.27
CA ILE B 865 21.50 -14.26 8.70
C ILE B 865 21.09 -15.44 7.83
N SER B 866 22.05 -16.27 7.44
CA SER B 866 21.84 -17.44 6.62
C SER B 866 22.46 -18.65 7.33
N SER B 867 23.46 -18.41 8.22
CA SER B 867 24.20 -19.42 8.99
C SER B 867 24.17 -19.14 10.50
N GLU B 868 24.07 -20.21 11.32
CA GLU B 868 24.06 -20.11 12.78
C GLU B 868 25.40 -19.57 13.36
N GLN B 869 26.46 -19.48 12.53
CA GLN B 869 27.78 -18.97 12.92
C GLN B 869 27.73 -17.54 13.46
N TYR B 870 26.85 -16.70 12.90
CA TYR B 870 26.77 -15.31 13.27
C TYR B 870 25.65 -15.00 14.23
N LEU B 871 24.77 -15.97 14.50
CA LEU B 871 23.70 -15.70 15.44
C LEU B 871 24.19 -15.27 16.84
N PRO B 872 25.16 -15.99 17.50
CA PRO B 872 25.57 -15.58 18.87
C PRO B 872 25.99 -14.10 19.03
N ARG B 873 26.57 -13.49 17.96
CA ARG B 873 26.99 -12.09 17.94
C ARG B 873 25.78 -11.17 17.89
N TYR B 874 24.82 -11.46 17.00
CA TYR B 874 23.62 -10.64 16.86
C TYR B 874 22.68 -10.82 18.02
N PHE B 875 22.65 -12.02 18.62
CA PHE B 875 21.86 -12.30 19.83
C PHE B 875 22.35 -11.35 20.95
N LEU B 876 23.68 -11.33 21.17
CA LEU B 876 24.36 -10.45 22.12
C LEU B 876 24.16 -8.96 21.82
N ARG B 877 24.10 -8.55 20.53
CA ARG B 877 23.81 -7.15 20.18
C ARG B 877 22.36 -6.84 20.59
N PHE B 878 21.45 -7.80 20.36
CA PHE B 878 20.05 -7.64 20.74
C PHE B 878 19.93 -7.49 22.27
N VAL B 879 20.65 -8.34 23.08
CA VAL B 879 20.55 -8.23 24.55
C VAL B 879 21.05 -6.84 25.00
N ARG B 880 22.27 -6.46 24.61
CA ARG B 880 22.90 -5.18 24.92
C ARG B 880 22.02 -3.97 24.53
N GLU B 881 21.42 -3.99 23.31
CA GLU B 881 20.56 -2.92 22.80
C GLU B 881 19.18 -2.83 23.45
N LYS B 882 18.52 -3.98 23.69
CA LYS B 882 17.17 -4.04 24.24
C LYS B 882 17.08 -4.31 25.76
N ALA B 883 18.20 -4.46 26.48
CA ALA B 883 18.24 -4.77 27.91
C ALA B 883 17.24 -3.97 28.77
N ASP B 884 17.23 -2.61 28.68
CA ASP B 884 16.27 -1.77 29.42
C ASP B 884 14.81 -2.09 29.01
N TRP B 885 14.54 -2.20 27.70
CA TRP B 885 13.23 -2.55 27.16
C TRP B 885 12.79 -3.94 27.67
N LEU B 886 13.73 -4.92 27.75
CA LEU B 886 13.41 -6.28 28.18
C LEU B 886 13.08 -6.37 29.67
N VAL B 887 13.85 -5.63 30.51
CA VAL B 887 13.72 -5.60 31.97
C VAL B 887 12.56 -4.69 32.43
N SER B 888 12.09 -3.80 31.54
CA SER B 888 10.99 -2.87 31.87
C SER B 888 9.60 -3.50 31.88
N LYS B 889 9.46 -4.76 31.43
CA LYS B 889 8.16 -5.43 31.41
C LYS B 889 8.27 -6.96 31.60
N ARG B 890 7.42 -7.52 32.48
CA ARG B 890 7.41 -8.93 32.84
C ARG B 890 7.21 -9.89 31.62
N SER B 891 6.30 -9.58 30.71
CA SER B 891 6.04 -10.41 29.54
C SER B 891 7.20 -10.42 28.51
N ARG B 892 7.98 -9.31 28.41
CA ARG B 892 9.09 -9.22 27.46
C ARG B 892 10.24 -10.15 27.81
N GLY B 893 10.60 -10.22 29.09
CA GLY B 893 11.69 -11.08 29.52
C GLY B 893 11.25 -12.54 29.49
N GLU B 894 9.92 -12.76 29.70
CA GLU B 894 9.27 -14.06 29.68
C GLU B 894 9.37 -14.62 28.27
N GLU B 895 9.01 -13.80 27.26
CA GLU B 895 9.07 -14.14 25.83
C GLU B 895 10.49 -14.36 25.34
N PHE B 896 11.41 -13.49 25.73
CA PHE B 896 12.82 -13.57 25.42
C PHE B 896 13.39 -14.90 25.93
N SER B 897 13.02 -15.34 27.16
CA SER B 897 13.50 -16.62 27.72
C SER B 897 12.91 -17.81 26.93
N LYS B 898 11.68 -17.64 26.34
CA LYS B 898 11.06 -18.67 25.51
C LYS B 898 11.96 -18.92 24.28
N LEU B 899 12.42 -17.80 23.63
CA LEU B 899 13.28 -17.76 22.47
C LEU B 899 14.60 -18.43 22.79
N VAL B 900 15.20 -18.03 23.94
CA VAL B 900 16.49 -18.51 24.44
C VAL B 900 16.43 -20.01 24.71
N ALA B 901 15.28 -20.51 25.18
CA ALA B 901 15.05 -21.92 25.43
C ALA B 901 15.02 -22.69 24.11
N THR B 902 14.21 -22.20 23.13
CA THR B 902 14.08 -22.77 21.77
C THR B 902 15.46 -22.85 21.07
N LEU B 903 16.26 -21.75 21.15
CA LEU B 903 17.60 -21.66 20.56
C LEU B 903 18.59 -22.60 21.27
N LEU B 904 18.46 -22.78 22.60
CA LEU B 904 19.31 -23.69 23.36
C LEU B 904 19.01 -25.15 23.00
N ALA B 905 17.71 -25.47 22.77
CA ALA B 905 17.24 -26.81 22.39
C ALA B 905 17.89 -27.22 21.04
N ARG B 906 17.97 -26.27 20.11
CA ARG B 906 18.58 -26.39 18.79
C ARG B 906 20.12 -26.46 18.83
N ARG B 907 20.74 -26.07 19.96
CA ARG B 907 22.20 -25.99 20.17
C ARG B 907 22.83 -24.84 19.39
N VAL B 908 22.02 -23.85 19.07
CA VAL B 908 22.39 -22.67 18.30
C VAL B 908 23.06 -21.59 19.20
N LEU B 909 22.74 -21.60 20.47
CA LEU B 909 23.28 -20.62 21.38
C LEU B 909 24.34 -21.21 22.28
N PRO B 910 25.62 -20.75 22.20
CA PRO B 910 26.65 -21.23 23.16
C PRO B 910 26.28 -20.85 24.59
N GLU B 911 26.58 -21.72 25.57
CA GLU B 911 26.30 -21.48 26.98
C GLU B 911 26.76 -20.06 27.40
N ARG B 912 28.04 -19.71 27.14
CA ARG B 912 28.71 -18.43 27.45
C ARG B 912 27.93 -17.15 27.07
N VAL B 913 27.17 -17.20 25.97
CA VAL B 913 26.32 -16.14 25.43
C VAL B 913 25.15 -15.92 26.39
N VAL B 914 24.55 -17.01 26.92
CA VAL B 914 23.43 -16.98 27.88
C VAL B 914 23.96 -16.44 29.22
N ILE B 915 25.14 -16.96 29.66
CA ILE B 915 25.85 -16.49 30.84
C ILE B 915 26.08 -14.94 30.69
N GLU B 916 26.50 -14.47 29.50
CA GLU B 916 26.70 -13.05 29.24
C GLU B 916 25.36 -12.29 29.17
N ALA B 917 24.29 -12.94 28.70
CA ALA B 917 22.97 -12.29 28.64
C ALA B 917 22.42 -12.09 30.06
N THR B 918 22.82 -12.99 31.00
CA THR B 918 22.45 -12.90 32.41
C THR B 918 22.99 -11.58 32.98
N GLN B 919 24.30 -11.31 32.78
CA GLN B 919 24.97 -10.11 33.27
C GLN B 919 24.48 -8.81 32.61
N VAL B 920 24.05 -8.87 31.34
CA VAL B 920 23.51 -7.69 30.65
C VAL B 920 22.17 -7.26 31.30
N LEU B 921 21.24 -8.22 31.54
CA LEU B 921 19.94 -7.91 32.15
C LEU B 921 20.04 -7.55 33.65
N ASN B 922 21.06 -8.10 34.33
CA ASN B 922 21.31 -7.86 35.76
C ASN B 922 21.79 -6.45 36.02
N ASP B 923 22.69 -5.90 35.16
CA ASP B 923 23.11 -4.52 35.34
C ASP B 923 22.06 -3.59 34.77
N ALA B 924 21.24 -4.08 33.83
CA ALA B 924 20.14 -3.29 33.29
C ALA B 924 19.17 -2.98 34.43
N ARG B 925 18.67 -4.04 35.13
CA ARG B 925 17.73 -3.94 36.24
C ARG B 925 18.30 -3.13 37.41
N GLY B 926 19.57 -3.38 37.76
CA GLY B 926 20.28 -2.67 38.82
C GLY B 926 20.27 -1.17 38.56
N ARG B 927 20.69 -0.76 37.34
CA ARG B 927 20.69 0.63 36.89
C ARG B 927 19.28 1.24 36.96
N LEU B 928 18.24 0.55 36.43
CA LEU B 928 16.85 0.99 36.47
C LEU B 928 16.25 1.06 37.90
N ARG B 929 16.84 0.32 38.86
CA ARG B 929 16.40 0.33 40.26
C ARG B 929 16.87 1.60 40.99
ZN ZN C . 33.43 -25.57 1.66
ZN ZN D . 35.71 -22.24 1.10
ZN ZN E . 36.80 -25.88 -0.59
ZN ZN F . 17.56 -39.61 7.32
ZN ZN G . 21.52 -38.57 7.55
ZN ZN H . 18.79 -36.14 5.92
ZN ZN I . 13.92 -17.29 7.51
ZN ZN J . 23.54 -17.09 40.33
N SAH K . 15.49 -4.50 -21.66
CA SAH K . 14.62 -4.80 -20.50
CB SAH K . 15.31 -5.60 -19.36
CG SAH K . 15.40 -7.09 -19.65
SD SAH K . 13.76 -7.85 -19.42
C SAH K . 13.93 -3.50 -19.93
O SAH K . 13.39 -3.44 -18.84
OXT SAH K . 13.96 -2.49 -20.79
C5' SAH K . 13.72 -9.09 -20.75
C4' SAH K . 13.15 -8.43 -21.99
O4' SAH K . 14.19 -7.70 -22.71
C3' SAH K . 12.54 -9.37 -23.02
O3' SAH K . 11.19 -9.72 -22.72
C2' SAH K . 12.68 -8.58 -24.33
O2' SAH K . 11.65 -7.64 -24.57
C1' SAH K . 14.02 -7.86 -24.11
N9 SAH K . 15.19 -8.56 -24.64
C8 SAH K . 16.32 -8.91 -23.95
N7 SAH K . 17.23 -9.52 -24.67
C5 SAH K . 16.66 -9.58 -25.94
C6 SAH K . 17.08 -10.14 -27.16
N6 SAH K . 18.26 -10.76 -27.31
N1 SAH K . 16.25 -10.06 -28.22
C2 SAH K . 15.08 -9.44 -28.07
N3 SAH K . 14.57 -8.86 -26.98
C4 SAH K . 15.41 -8.98 -25.93
#